data_2O93
#
_entry.id   2O93
#
_cell.length_a   93.691
_cell.length_b   95.299
_cell.length_c   159.227
_cell.angle_alpha   90.00
_cell.angle_beta   90.00
_cell.angle_gamma   90.00
#
_symmetry.space_group_name_H-M   'P 21 21 21'
#
loop_
_entity.id
_entity.type
_entity.pdbx_description
1 polymer 'kappaB enhancer element, DNA 25-mer'
2 polymer 'kappaB enhancer element, DNA 25-mer'
3 polymer 'actor of activated T-cells, cytoplasmic 2'
#
loop_
_entity_poly.entity_id
_entity_poly.type
_entity_poly.pdbx_seq_one_letter_code
_entity_poly.pdbx_strand_id
1 'polydeoxyribonucleotide'
;(DA)(DG)(DG)(DG)(DA)(DC)(DT)(DT)(DT)(DC)(DC)(DG)(DC)(DT)(DG)(DG)(DG)(DG)(DA)(DC)
(DT)(DT)(DT)(DC)(DC)
;
A
2 'polydeoxyribonucleotide'
;(DT)(DG)(DG)(DA)(DA)(DA)(DG)(DT)(DC)(DC)(DC)(DC)(DA)(DG)(DC)(DG)(DG)(DA)(DA)(DA)
(DG)(DT)(DC)(DC)(DC)
;
B
3 'polypeptide(L)'
;MRGSHHHHHHTAPHASSVPLEWPLSSQSGSYELRIEVQPKPHHRAHYETEGSRGAVKAPTGGHPVVQLHGYMENKPLGLQ
IFIGTADERILKPHAFYQVHRITGKTVTTTSYEKIVGNTKVLEIPLEPKNNMRATIDCAGILKLRNADIELRKGETDIGR
KNTRVRLVFRVHIPESSGRIVSLQTASNPIECSQRSAHELPMVERQDTDSCLVYGGQQMILTGQNFTSESKVVFTEKTTD
GQQIWEMEATVDKDKSQPNMLFVEIPEYRNKHIRTPVKVNFYVINGKRKRSQPQHFTYHPV
;
L,M,O
#
loop_
_chem_comp.id
_chem_comp.type
_chem_comp.name
_chem_comp.formula
DA DNA linking 2'-DEOXYADENOSINE-5'-MONOPHOSPHATE 'C10 H14 N5 O6 P'
DC DNA linking 2'-DEOXYCYTIDINE-5'-MONOPHOSPHATE 'C9 H14 N3 O7 P'
DG DNA linking 2'-DEOXYGUANOSINE-5'-MONOPHOSPHATE 'C10 H14 N5 O7 P'
DT DNA linking THYMIDINE-5'-MONOPHOSPHATE 'C10 H15 N2 O8 P'
#
# COMPACT_ATOMS: atom_id res chain seq x y z
N ALA C 15 8.33 -42.70 3.11
CA ALA C 15 8.36 -42.17 4.50
C ALA C 15 9.10 -40.84 4.57
N SER C 16 9.95 -40.58 3.58
CA SER C 16 10.75 -39.36 3.49
C SER C 16 9.94 -38.05 3.49
N SER C 17 9.15 -37.83 4.53
CA SER C 17 8.34 -36.63 4.61
C SER C 17 8.74 -35.73 5.78
N VAL C 18 9.62 -34.78 5.49
CA VAL C 18 10.10 -33.83 6.50
C VAL C 18 9.64 -32.45 6.06
N PRO C 19 8.86 -31.76 6.92
CA PRO C 19 8.37 -30.42 6.60
C PRO C 19 9.35 -29.58 5.80
N LEU C 20 8.81 -28.76 4.92
CA LEU C 20 9.61 -27.89 4.10
C LEU C 20 9.99 -26.65 4.89
N GLU C 21 9.40 -26.51 6.08
CA GLU C 21 9.67 -25.38 6.96
C GLU C 21 10.77 -25.77 7.91
N TRP C 22 11.09 -27.06 7.93
CA TRP C 22 12.14 -27.56 8.78
C TRP C 22 13.47 -27.06 8.26
N PRO C 23 14.35 -26.64 9.17
CA PRO C 23 15.67 -26.15 8.75
C PRO C 23 16.61 -27.31 8.61
N LEU C 24 17.33 -27.35 7.50
CA LEU C 24 18.28 -28.41 7.28
C LEU C 24 19.56 -27.72 6.87
N SER C 25 20.67 -28.46 6.82
CA SER C 25 21.94 -27.85 6.44
C SER C 25 22.51 -28.44 5.18
N SER C 26 23.43 -27.70 4.58
CA SER C 26 24.09 -28.13 3.36
C SER C 26 25.00 -29.33 3.58
N GLN C 27 25.68 -29.38 4.73
CA GLN C 27 26.58 -30.49 5.02
C GLN C 27 26.39 -31.18 6.38
N SER C 28 26.54 -32.51 6.38
CA SER C 28 26.42 -33.34 7.58
C SER C 28 27.42 -34.48 7.60
N GLY C 29 28.51 -34.32 8.34
CA GLY C 29 29.51 -35.36 8.40
C GLY C 29 30.24 -35.52 7.08
N SER C 30 30.14 -36.71 6.49
CA SER C 30 30.80 -36.98 5.21
C SER C 30 29.82 -36.76 4.07
N TYR C 31 28.94 -35.76 4.25
CA TYR C 31 27.94 -35.42 3.25
C TYR C 31 27.84 -33.91 3.03
N GLU C 32 27.65 -33.52 1.77
CA GLU C 32 27.53 -32.11 1.40
C GLU C 32 26.80 -31.95 0.07
N LEU C 33 25.78 -31.10 0.08
CA LEU C 33 24.98 -30.82 -1.11
C LEU C 33 25.27 -29.39 -1.56
N ARG C 34 26.24 -29.23 -2.44
CA ARG C 34 26.59 -27.91 -2.94
C ARG C 34 25.85 -27.57 -4.21
N ILE C 35 25.69 -26.29 -4.45
CA ILE C 35 25.04 -25.80 -5.65
C ILE C 35 26.19 -25.54 -6.62
N GLU C 36 26.41 -26.48 -7.51
CA GLU C 36 27.49 -26.39 -8.50
C GLU C 36 27.42 -25.16 -9.39
N VAL C 37 26.28 -25.00 -10.07
CA VAL C 37 26.09 -23.86 -10.97
C VAL C 37 24.84 -23.05 -10.58
N GLN C 38 25.06 -21.94 -9.89
CA GLN C 38 23.96 -21.06 -9.45
C GLN C 38 23.18 -20.50 -10.63
N PRO C 39 21.88 -20.24 -10.46
CA PRO C 39 21.07 -19.69 -11.55
C PRO C 39 21.32 -18.19 -11.76
N LYS C 40 20.60 -17.60 -12.70
CA LYS C 40 20.78 -16.18 -13.00
C LYS C 40 20.11 -15.29 -11.96
N PRO C 41 20.65 -14.09 -11.74
CA PRO C 41 20.08 -13.16 -10.77
C PRO C 41 18.60 -12.93 -11.02
N HIS C 42 18.26 -12.77 -12.31
CA HIS C 42 16.88 -12.53 -12.71
C HIS C 42 16.32 -13.65 -13.56
N HIS C 43 15.01 -13.84 -13.48
CA HIS C 43 14.30 -14.85 -14.26
C HIS C 43 12.83 -14.46 -14.35
N ARG C 44 12.38 -14.00 -15.51
CA ARG C 44 10.97 -13.64 -15.59
C ARG C 44 10.12 -14.87 -15.29
N ALA C 45 9.26 -14.76 -14.27
CA ALA C 45 8.38 -15.88 -13.92
C ALA C 45 7.11 -15.68 -14.73
N HIS C 46 6.36 -16.76 -14.96
CA HIS C 46 5.12 -16.67 -15.75
C HIS C 46 3.87 -16.90 -14.94
N TYR C 47 2.76 -16.33 -15.40
CA TYR C 47 1.47 -16.52 -14.74
C TYR C 47 0.81 -17.76 -15.31
N GLU C 48 -0.30 -18.21 -14.74
CA GLU C 48 -0.94 -19.39 -15.29
C GLU C 48 -1.60 -19.00 -16.59
N THR C 49 -2.12 -17.77 -16.66
CA THR C 49 -2.77 -17.31 -17.88
C THR C 49 -1.77 -17.30 -19.02
N GLU C 50 -0.49 -17.41 -18.70
CA GLU C 50 0.53 -17.47 -19.73
C GLU C 50 0.91 -18.94 -19.81
N GLY C 51 1.69 -19.33 -20.81
CA GLY C 51 2.04 -20.72 -20.91
C GLY C 51 3.10 -21.12 -19.88
N SER C 52 4.33 -20.82 -20.24
CA SER C 52 5.48 -21.09 -19.42
C SER C 52 6.54 -20.17 -20.00
N ARG C 53 7.60 -19.91 -19.27
CA ARG C 53 8.61 -19.05 -19.81
C ARG C 53 9.96 -19.67 -19.58
N GLY C 54 10.02 -20.96 -19.89
CA GLY C 54 11.26 -21.72 -19.77
C GLY C 54 11.62 -22.15 -18.37
N ALA C 55 12.77 -22.79 -18.24
CA ALA C 55 13.24 -23.23 -16.95
C ALA C 55 14.25 -22.18 -16.58
N VAL C 56 14.70 -22.20 -15.33
CA VAL C 56 15.68 -21.22 -14.93
C VAL C 56 16.98 -21.58 -15.64
N LYS C 57 17.81 -20.58 -15.92
CA LYS C 57 19.07 -20.80 -16.62
C LYS C 57 20.24 -20.19 -15.85
N ALA C 58 21.44 -20.69 -16.12
CA ALA C 58 22.65 -20.19 -15.48
C ALA C 58 23.25 -19.14 -16.41
N PRO C 59 24.13 -18.27 -15.89
CA PRO C 59 24.73 -17.24 -16.74
C PRO C 59 25.40 -17.87 -17.97
N THR C 60 25.84 -19.11 -17.82
CA THR C 60 26.47 -19.84 -18.90
C THR C 60 25.59 -19.71 -20.13
N GLY C 61 24.29 -19.81 -19.91
CA GLY C 61 23.33 -19.73 -20.99
C GLY C 61 22.63 -21.07 -21.01
N GLY C 62 23.10 -21.95 -20.13
CA GLY C 62 22.53 -23.28 -20.04
C GLY C 62 21.55 -23.48 -18.90
N HIS C 63 22.04 -24.04 -17.79
CA HIS C 63 21.20 -24.31 -16.64
C HIS C 63 22.00 -24.38 -15.36
N PRO C 64 21.33 -24.41 -14.20
CA PRO C 64 22.03 -24.48 -12.92
C PRO C 64 22.31 -25.96 -12.59
N VAL C 65 23.34 -26.22 -11.78
CA VAL C 65 23.67 -27.60 -11.44
C VAL C 65 23.85 -27.89 -9.96
N VAL C 66 23.22 -28.98 -9.52
CA VAL C 66 23.25 -29.44 -8.15
C VAL C 66 23.95 -30.78 -8.06
N GLN C 67 24.65 -31.03 -6.94
CA GLN C 67 25.33 -32.31 -6.77
C GLN C 67 25.58 -32.70 -5.31
N LEU C 68 25.43 -34.00 -5.03
CA LEU C 68 25.63 -34.56 -3.70
C LEU C 68 27.01 -35.22 -3.63
N HIS C 69 27.89 -34.63 -2.83
CA HIS C 69 29.24 -35.14 -2.69
C HIS C 69 29.39 -35.96 -1.42
N GLY C 70 30.31 -36.92 -1.44
CA GLY C 70 30.53 -37.74 -0.28
C GLY C 70 29.57 -38.92 -0.20
N TYR C 71 28.99 -39.30 -1.33
CA TYR C 71 28.06 -40.42 -1.36
C TYR C 71 28.73 -41.69 -1.90
N MET C 72 29.10 -42.59 -0.99
CA MET C 72 29.77 -43.83 -1.34
C MET C 72 28.86 -44.91 -1.90
N GLU C 73 27.62 -45.00 -1.39
CA GLU C 73 26.69 -46.01 -1.88
C GLU C 73 26.45 -45.90 -3.37
N ASN C 74 25.86 -46.95 -3.93
CA ASN C 74 25.56 -46.98 -5.35
C ASN C 74 24.08 -47.24 -5.56
N LYS C 75 23.26 -46.30 -5.11
CA LYS C 75 21.82 -46.40 -5.25
C LYS C 75 21.33 -45.09 -5.84
N PRO C 76 20.22 -45.15 -6.58
CA PRO C 76 19.62 -43.96 -7.22
C PRO C 76 18.78 -43.14 -6.22
N LEU C 77 19.28 -41.95 -5.87
CA LEU C 77 18.58 -41.08 -4.93
C LEU C 77 17.61 -40.13 -5.62
N GLY C 78 16.73 -39.52 -4.84
CA GLY C 78 15.75 -38.60 -5.39
C GLY C 78 15.92 -37.17 -4.91
N LEU C 79 16.33 -36.28 -5.82
CA LEU C 79 16.52 -34.88 -5.47
C LEU C 79 15.18 -34.15 -5.51
N GLN C 80 14.98 -33.26 -4.53
CA GLN C 80 13.74 -32.48 -4.45
C GLN C 80 14.00 -31.01 -4.71
N ILE C 81 13.02 -30.36 -5.33
CA ILE C 81 13.12 -28.95 -5.67
C ILE C 81 11.87 -28.17 -5.32
N PHE C 82 12.05 -26.90 -4.98
CA PHE C 82 10.94 -26.00 -4.66
C PHE C 82 11.40 -24.55 -4.51
N ILE C 83 10.46 -23.61 -4.65
CA ILE C 83 10.77 -22.19 -4.53
C ILE C 83 10.62 -21.65 -3.11
N GLY C 84 11.74 -21.11 -2.61
CA GLY C 84 11.78 -20.57 -1.25
C GLY C 84 11.80 -19.06 -1.18
N THR C 85 11.73 -18.54 0.04
CA THR C 85 11.72 -17.11 0.27
C THR C 85 13.09 -16.53 0.54
N ALA C 86 13.48 -15.54 -0.25
CA ALA C 86 14.76 -14.87 -0.08
C ALA C 86 14.53 -13.55 0.64
N ASP C 87 14.08 -13.64 1.89
CA ASP C 87 13.82 -12.46 2.70
C ASP C 87 14.68 -12.43 3.97
N GLU C 88 14.49 -11.39 4.78
CA GLU C 88 15.25 -11.19 6.00
C GLU C 88 14.92 -12.21 7.08
N ARG C 89 13.91 -13.03 6.84
CA ARG C 89 13.55 -14.04 7.81
C ARG C 89 14.25 -15.32 7.41
N ILE C 90 13.86 -16.44 8.02
CA ILE C 90 14.45 -17.74 7.70
C ILE C 90 13.86 -18.27 6.41
N LEU C 91 14.59 -19.15 5.74
CA LEU C 91 14.12 -19.72 4.51
C LEU C 91 12.83 -20.48 4.76
N LYS C 92 12.00 -20.56 3.73
CA LYS C 92 10.71 -21.22 3.82
C LYS C 92 10.06 -21.16 2.42
N PRO C 93 9.10 -22.06 2.14
CA PRO C 93 8.45 -22.02 0.83
C PRO C 93 7.72 -20.70 0.55
N HIS C 94 8.05 -20.08 -0.57
CA HIS C 94 7.43 -18.81 -0.97
C HIS C 94 5.98 -19.15 -1.29
N ALA C 95 5.04 -18.32 -0.85
CA ALA C 95 3.64 -18.64 -1.08
C ALA C 95 3.04 -18.19 -2.40
N PHE C 96 3.72 -17.28 -3.09
CA PHE C 96 3.23 -16.75 -4.34
C PHE C 96 3.93 -17.34 -5.55
N TYR C 97 4.86 -18.24 -5.29
CA TYR C 97 5.62 -18.84 -6.36
C TYR C 97 5.74 -20.34 -6.18
N GLN C 98 5.73 -21.06 -7.31
CA GLN C 98 5.81 -22.52 -7.31
C GLN C 98 6.77 -22.98 -8.39
N VAL C 99 7.40 -24.14 -8.21
CA VAL C 99 8.29 -24.65 -9.24
C VAL C 99 7.36 -25.01 -10.37
N HIS C 100 7.90 -25.14 -11.57
CA HIS C 100 7.07 -25.50 -12.71
C HIS C 100 7.76 -26.64 -13.44
N ARG C 101 7.05 -27.76 -13.60
CA ARG C 101 7.60 -28.92 -14.29
C ARG C 101 7.66 -28.74 -15.80
N ILE C 102 8.87 -28.82 -16.33
CA ILE C 102 9.10 -28.69 -17.76
C ILE C 102 9.37 -30.06 -18.39
N THR C 103 8.66 -30.37 -19.47
CA THR C 103 8.79 -31.65 -20.14
C THR C 103 9.18 -31.61 -21.63
N GLY C 104 9.80 -32.70 -22.11
CA GLY C 104 10.18 -32.82 -23.51
C GLY C 104 11.62 -32.73 -24.01
N LYS C 105 11.71 -32.48 -25.32
CA LYS C 105 12.95 -32.31 -26.08
C LYS C 105 14.22 -32.06 -25.26
N THR C 106 14.85 -30.92 -25.49
CA THR C 106 16.09 -30.55 -24.80
C THR C 106 16.02 -30.69 -23.28
N VAL C 107 14.84 -31.02 -22.76
CA VAL C 107 14.72 -31.21 -21.32
C VAL C 107 15.43 -32.52 -21.01
N THR C 108 16.71 -32.43 -20.64
CA THR C 108 17.51 -33.62 -20.35
C THR C 108 17.01 -34.38 -19.12
N THR C 109 17.45 -33.97 -17.94
CA THR C 109 17.07 -34.63 -16.70
C THR C 109 15.55 -34.84 -16.57
N THR C 110 15.15 -36.01 -16.08
CA THR C 110 13.73 -36.33 -15.91
C THR C 110 13.18 -35.68 -14.65
N SER C 111 11.85 -35.62 -14.54
CA SER C 111 11.23 -34.98 -13.39
C SER C 111 9.87 -35.53 -12.94
N TYR C 112 9.63 -35.46 -11.63
CA TYR C 112 8.37 -35.92 -11.03
C TYR C 112 7.79 -34.78 -10.19
N GLU C 113 6.50 -34.51 -10.38
CA GLU C 113 5.84 -33.43 -9.65
C GLU C 113 4.96 -33.96 -8.52
N LYS C 114 4.77 -33.15 -7.48
CA LYS C 114 3.93 -33.55 -6.35
C LYS C 114 3.70 -32.38 -5.39
N ILE C 115 2.49 -32.31 -4.85
CA ILE C 115 2.12 -31.23 -3.93
C ILE C 115 2.38 -31.60 -2.48
N VAL C 116 2.69 -30.59 -1.68
CA VAL C 116 2.95 -30.77 -0.26
C VAL C 116 2.41 -29.51 0.39
N GLY C 117 1.36 -29.62 1.18
CA GLY C 117 0.80 -28.43 1.78
C GLY C 117 0.29 -27.66 0.58
N ASN C 118 0.76 -26.43 0.38
CA ASN C 118 0.32 -25.65 -0.77
C ASN C 118 1.52 -25.41 -1.65
N THR C 119 2.58 -26.19 -1.40
CA THR C 119 3.81 -26.07 -2.13
C THR C 119 4.01 -27.20 -3.12
N LYS C 120 4.10 -26.85 -4.40
CA LYS C 120 4.31 -27.85 -5.42
C LYS C 120 5.79 -28.21 -5.39
N VAL C 121 6.11 -29.47 -5.17
CA VAL C 121 7.49 -29.93 -5.13
C VAL C 121 7.84 -30.81 -6.33
N LEU C 122 8.98 -30.50 -6.95
CA LEU C 122 9.45 -31.23 -8.10
C LEU C 122 10.48 -32.23 -7.61
N GLU C 123 10.51 -33.41 -8.21
CA GLU C 123 11.46 -34.44 -7.82
C GLU C 123 12.20 -35.07 -8.98
N ILE C 124 13.50 -34.79 -9.06
CA ILE C 124 14.33 -35.33 -10.12
C ILE C 124 15.19 -36.44 -9.53
N PRO C 125 15.76 -37.31 -10.38
CA PRO C 125 16.60 -38.42 -9.94
C PRO C 125 18.10 -38.08 -9.82
N LEU C 126 18.71 -38.57 -8.75
CA LEU C 126 20.14 -38.39 -8.50
C LEU C 126 20.80 -39.75 -8.60
N GLU C 127 21.37 -40.05 -9.76
CA GLU C 127 21.99 -41.34 -9.96
C GLU C 127 23.51 -41.36 -9.89
N PRO C 128 24.07 -42.48 -9.39
CA PRO C 128 25.51 -42.71 -9.24
C PRO C 128 26.25 -42.67 -10.57
N LYS C 129 25.66 -43.26 -11.59
CA LYS C 129 26.28 -43.28 -12.91
C LYS C 129 26.69 -41.87 -13.33
N ASN C 130 26.05 -40.86 -12.77
CA ASN C 130 26.36 -39.47 -13.08
C ASN C 130 27.05 -38.71 -11.93
N ASN C 131 27.38 -39.44 -10.87
CA ASN C 131 28.06 -38.87 -9.71
C ASN C 131 27.13 -38.09 -8.78
N MET C 132 25.90 -38.58 -8.59
CA MET C 132 24.94 -37.89 -7.73
C MET C 132 24.89 -36.42 -8.10
N ARG C 133 25.05 -36.15 -9.40
CA ARG C 133 25.05 -34.81 -9.96
C ARG C 133 23.88 -34.68 -10.94
N ALA C 134 23.35 -33.47 -11.07
CA ALA C 134 22.23 -33.23 -11.98
C ALA C 134 22.19 -31.80 -12.51
N THR C 135 21.61 -31.67 -13.70
CA THR C 135 21.47 -30.38 -14.34
C THR C 135 19.99 -30.03 -14.32
N ILE C 136 19.71 -28.87 -13.75
CA ILE C 136 18.34 -28.37 -13.62
C ILE C 136 17.85 -27.79 -14.94
N ASP C 137 16.90 -28.48 -15.58
CA ASP C 137 16.37 -27.97 -16.83
C ASP C 137 14.94 -28.41 -17.10
N CYS C 138 14.25 -28.81 -16.04
CA CYS C 138 12.86 -29.22 -16.15
C CYS C 138 12.09 -28.43 -15.09
N ALA C 139 12.76 -27.42 -14.55
CA ALA C 139 12.23 -26.58 -13.49
C ALA C 139 12.00 -25.11 -13.85
N GLY C 140 10.74 -24.69 -13.75
CA GLY C 140 10.39 -23.31 -14.05
C GLY C 140 9.75 -22.67 -12.82
N ILE C 141 9.47 -21.38 -12.89
CA ILE C 141 8.87 -20.67 -11.76
C ILE C 141 7.53 -20.01 -12.08
N LEU C 142 6.45 -20.64 -11.62
CA LEU C 142 5.12 -20.09 -11.85
C LEU C 142 4.75 -19.07 -10.77
N LYS C 143 4.20 -17.95 -11.21
CA LYS C 143 3.79 -16.89 -10.28
C LYS C 143 2.30 -16.99 -9.99
N LEU C 144 1.97 -17.26 -8.73
CA LEU C 144 0.59 -17.37 -8.33
C LEU C 144 0.08 -15.94 -8.19
N ARG C 145 -1.24 -15.78 -8.21
CA ARG C 145 -1.81 -14.45 -8.12
C ARG C 145 -2.06 -13.94 -6.72
N ASN C 146 -1.49 -12.76 -6.44
CA ASN C 146 -1.61 -12.08 -5.17
C ASN C 146 -3.06 -12.09 -4.72
N ALA C 147 -3.95 -11.93 -5.69
CA ALA C 147 -5.39 -11.92 -5.40
C ALA C 147 -5.84 -13.26 -4.85
N ASP C 148 -5.33 -14.34 -5.43
CA ASP C 148 -5.72 -15.67 -5.00
C ASP C 148 -5.15 -16.04 -3.64
N ILE C 149 -3.83 -15.98 -3.51
CA ILE C 149 -3.14 -16.33 -2.27
C ILE C 149 -3.61 -15.60 -1.01
N GLU C 150 -3.59 -14.28 -1.04
CA GLU C 150 -4.00 -13.48 0.11
C GLU C 150 -5.40 -13.83 0.62
N LEU C 151 -6.28 -14.28 -0.27
CA LEU C 151 -7.64 -14.68 0.08
C LEU C 151 -7.67 -15.94 0.96
N ARG C 152 -6.59 -16.72 0.90
CA ARG C 152 -6.46 -17.96 1.66
C ARG C 152 -6.46 -17.72 3.15
N LYS C 153 -7.38 -18.38 3.84
CA LYS C 153 -7.50 -18.26 5.28
C LYS C 153 -6.25 -18.82 5.93
N GLY C 154 -5.26 -17.96 6.13
CA GLY C 154 -4.02 -18.43 6.74
C GLY C 154 -2.86 -17.52 6.44
N GLU C 155 -2.33 -17.61 5.22
CA GLU C 155 -1.20 -16.79 4.82
C GLU C 155 -1.40 -15.34 5.23
N THR C 156 -0.50 -14.86 6.08
CA THR C 156 -0.54 -13.50 6.57
C THR C 156 0.44 -12.62 5.79
N ASP C 157 1.22 -13.25 4.91
CA ASP C 157 2.20 -12.53 4.10
C ASP C 157 1.56 -11.66 3.03
N ILE C 158 2.36 -10.79 2.45
CA ILE C 158 1.88 -9.88 1.42
C ILE C 158 2.60 -10.12 0.10
N GLY C 159 1.93 -9.82 -0.99
CA GLY C 159 2.52 -10.01 -2.30
C GLY C 159 3.13 -8.72 -2.80
N ARG C 160 2.46 -7.62 -2.50
CA ARG C 160 2.87 -6.27 -2.91
C ARG C 160 4.22 -6.12 -3.59
N LYS C 161 5.31 -6.41 -2.88
CA LYS C 161 6.65 -6.29 -3.47
C LYS C 161 7.53 -7.53 -3.27
N ASN C 162 6.94 -8.59 -2.74
CA ASN C 162 7.68 -9.83 -2.50
C ASN C 162 7.90 -10.57 -3.81
N THR C 163 8.95 -10.18 -4.55
CA THR C 163 9.23 -10.83 -5.83
C THR C 163 10.60 -11.46 -5.95
N ARG C 164 11.22 -11.75 -4.82
CA ARG C 164 12.53 -12.42 -4.82
C ARG C 164 12.24 -13.84 -4.35
N VAL C 165 12.93 -14.81 -4.91
CA VAL C 165 12.72 -16.19 -4.53
C VAL C 165 14.06 -16.86 -4.45
N ARG C 166 14.04 -18.14 -4.11
CA ARG C 166 15.23 -18.96 -4.04
C ARG C 166 14.88 -20.39 -4.45
N LEU C 167 15.83 -21.06 -5.09
CA LEU C 167 15.66 -22.42 -5.53
C LEU C 167 16.16 -23.31 -4.42
N VAL C 168 15.25 -23.93 -3.69
CA VAL C 168 15.66 -24.79 -2.61
C VAL C 168 15.78 -26.20 -3.16
N PHE C 169 16.83 -26.88 -2.75
CA PHE C 169 17.08 -28.25 -3.15
C PHE C 169 17.34 -29.01 -1.88
N ARG C 170 16.75 -30.19 -1.77
CA ARG C 170 16.99 -31.01 -0.60
C ARG C 170 16.87 -32.48 -1.02
N VAL C 171 17.54 -33.35 -0.27
CA VAL C 171 17.53 -34.78 -0.55
C VAL C 171 17.64 -35.60 0.74
N HIS C 172 16.87 -36.69 0.79
CA HIS C 172 16.84 -37.59 1.95
C HIS C 172 17.69 -38.86 1.74
N ILE C 173 18.86 -38.93 2.38
CA ILE C 173 19.75 -40.09 2.28
C ILE C 173 19.45 -41.12 3.37
N PRO C 174 19.21 -42.38 2.96
CA PRO C 174 18.93 -43.45 3.93
C PRO C 174 20.17 -44.28 4.24
N GLU C 175 20.67 -44.16 5.47
CA GLU C 175 21.86 -44.92 5.85
C GLU C 175 21.51 -46.31 6.33
N SER C 176 22.51 -47.19 6.36
CA SER C 176 22.32 -48.56 6.81
C SER C 176 22.04 -48.55 8.30
N SER C 177 22.62 -47.57 8.99
CA SER C 177 22.44 -47.42 10.43
C SER C 177 20.97 -47.16 10.77
N GLY C 178 20.11 -47.22 9.75
CA GLY C 178 18.69 -46.98 9.94
C GLY C 178 18.40 -45.49 9.94
N ARG C 179 19.43 -44.70 10.23
CA ARG C 179 19.30 -43.25 10.25
C ARG C 179 19.14 -42.67 8.85
N ILE C 180 18.32 -41.63 8.75
CA ILE C 180 18.08 -40.97 7.48
C ILE C 180 18.59 -39.54 7.59
N VAL C 181 19.75 -39.28 7.00
CA VAL C 181 20.33 -37.93 7.03
C VAL C 181 19.53 -37.05 6.06
N SER C 182 19.45 -35.76 6.36
CA SER C 182 18.71 -34.86 5.50
C SER C 182 19.51 -33.60 5.18
N LEU C 183 19.85 -33.45 3.90
CA LEU C 183 20.61 -32.29 3.45
C LEU C 183 19.77 -31.34 2.61
N GLN C 184 19.86 -30.06 2.91
CA GLN C 184 19.11 -29.07 2.16
C GLN C 184 19.97 -27.91 1.72
N THR C 185 19.60 -27.32 0.60
CA THR C 185 20.37 -26.20 0.09
C THR C 185 19.60 -25.29 -0.87
N ALA C 186 19.72 -23.99 -0.61
CA ALA C 186 19.03 -23.00 -1.41
C ALA C 186 20.01 -22.12 -2.19
N SER C 187 19.68 -21.92 -3.46
CA SER C 187 20.48 -21.12 -4.36
C SER C 187 20.61 -19.69 -3.88
N ASN C 188 21.15 -18.83 -4.72
CA ASN C 188 21.27 -17.43 -4.37
C ASN C 188 19.93 -16.84 -4.73
N PRO C 189 19.72 -15.54 -4.41
CA PRO C 189 18.45 -14.88 -4.73
C PRO C 189 18.21 -14.67 -6.22
N ILE C 190 16.96 -14.83 -6.62
CA ILE C 190 16.54 -14.67 -8.02
C ILE C 190 15.37 -13.67 -8.07
N GLU C 191 15.52 -12.58 -8.84
CA GLU C 191 14.45 -11.60 -8.98
C GLU C 191 13.45 -12.15 -9.98
N CYS C 192 12.16 -12.09 -9.64
CA CYS C 192 11.14 -12.64 -10.51
C CYS C 192 10.18 -11.66 -11.21
N SER C 193 10.57 -10.39 -11.28
CA SER C 193 9.73 -9.40 -11.93
C SER C 193 10.44 -8.76 -13.11
N GLN C 194 9.94 -9.07 -14.30
CA GLN C 194 10.48 -8.53 -15.53
C GLN C 194 11.01 -7.13 -15.23
N ARG C 195 12.12 -6.76 -15.83
CA ARG C 195 12.67 -5.44 -15.61
C ARG C 195 11.68 -4.39 -16.13
N SER C 196 12.23 -3.25 -16.50
CA SER C 196 11.44 -2.16 -17.04
C SER C 196 11.67 -2.10 -18.55
N ALA C 197 10.58 -2.19 -19.33
CA ALA C 197 10.68 -2.13 -20.79
C ALA C 197 11.61 -0.98 -21.19
N HIS C 198 12.05 -1.02 -22.44
CA HIS C 198 12.99 -0.04 -22.93
C HIS C 198 12.53 1.41 -23.05
N GLU C 199 13.47 2.31 -22.79
CA GLU C 199 13.27 3.75 -22.88
C GLU C 199 13.71 4.12 -24.28
N LEU C 200 12.99 5.07 -24.87
CA LEU C 200 13.29 5.51 -26.23
C LEU C 200 14.66 6.20 -26.33
N PRO C 201 15.60 5.58 -27.06
CA PRO C 201 16.90 6.24 -27.15
C PRO C 201 16.75 7.61 -27.79
N MET C 202 17.63 8.56 -27.46
CA MET C 202 17.56 9.90 -28.05
C MET C 202 18.93 10.45 -28.41
N VAL C 203 19.14 10.73 -29.70
CA VAL C 203 20.42 11.28 -30.15
C VAL C 203 20.32 12.77 -30.40
N GLU C 204 21.17 13.54 -29.73
CA GLU C 204 21.16 15.00 -29.86
C GLU C 204 22.36 15.49 -30.66
N ARG C 205 23.40 14.68 -30.77
CA ARG C 205 24.57 15.14 -31.49
C ARG C 205 25.50 13.99 -31.89
N GLN C 206 26.34 14.25 -32.89
CA GLN C 206 27.31 13.28 -33.43
C GLN C 206 28.57 14.03 -33.82
N ASP C 207 29.74 13.46 -33.53
CA ASP C 207 31.00 14.12 -33.84
C ASP C 207 31.48 13.96 -35.28
N THR C 208 30.72 13.21 -36.07
CA THR C 208 31.06 12.96 -37.47
C THR C 208 29.84 13.06 -38.35
N ASP C 209 30.00 13.69 -39.51
CA ASP C 209 28.89 13.85 -40.43
C ASP C 209 29.07 13.14 -41.75
N SER C 210 30.28 12.66 -42.00
CA SER C 210 30.55 11.95 -43.25
C SER C 210 31.91 11.29 -43.19
N CYS C 211 32.19 10.43 -44.16
CA CYS C 211 33.47 9.75 -44.22
C CYS C 211 33.55 8.89 -45.45
N LEU C 212 34.77 8.56 -45.86
CA LEU C 212 35.00 7.73 -47.03
C LEU C 212 34.22 6.42 -46.95
N VAL C 213 33.79 5.93 -48.11
CA VAL C 213 33.00 4.71 -48.20
C VAL C 213 33.67 3.47 -47.60
N TYR C 214 34.97 3.54 -47.34
CA TYR C 214 35.66 2.41 -46.74
C TYR C 214 35.18 2.29 -45.28
N GLY C 215 34.66 3.39 -44.74
CA GLY C 215 34.17 3.42 -43.38
C GLY C 215 35.25 3.10 -42.36
N GLY C 216 34.90 2.34 -41.34
CA GLY C 216 35.87 1.95 -40.33
C GLY C 216 36.22 2.92 -39.22
N GLN C 217 35.85 4.19 -39.34
CA GLN C 217 36.15 5.19 -38.31
C GLN C 217 35.16 5.11 -37.12
N GLN C 218 35.56 5.69 -35.99
CA GLN C 218 34.73 5.69 -34.79
C GLN C 218 33.89 6.95 -34.67
N MET C 219 32.59 6.78 -34.45
CA MET C 219 31.72 7.94 -34.31
C MET C 219 31.09 8.05 -32.91
N ILE C 220 31.10 9.26 -32.35
CA ILE C 220 30.52 9.49 -31.05
C ILE C 220 29.18 10.20 -31.12
N LEU C 221 28.17 9.62 -30.49
CA LEU C 221 26.84 10.21 -30.46
C LEU C 221 26.55 10.71 -29.05
N THR C 222 25.79 11.78 -28.94
CA THR C 222 25.48 12.34 -27.66
C THR C 222 23.98 12.46 -27.53
N GLY C 223 23.43 11.80 -26.52
CA GLY C 223 22.00 11.84 -26.33
C GLY C 223 21.64 11.30 -24.97
N GLN C 224 20.45 10.70 -24.87
CA GLN C 224 19.98 10.13 -23.62
C GLN C 224 19.42 8.74 -23.84
N ASN C 225 19.36 7.99 -22.75
CA ASN C 225 18.78 6.65 -22.76
C ASN C 225 19.53 5.60 -23.54
N PHE C 226 20.84 5.76 -23.66
CA PHE C 226 21.67 4.77 -24.35
C PHE C 226 22.10 3.72 -23.33
N THR C 227 21.91 2.45 -23.67
CA THR C 227 22.30 1.38 -22.77
C THR C 227 23.32 0.52 -23.52
N SER C 228 24.27 -0.05 -22.80
CA SER C 228 25.26 -0.88 -23.48
C SER C 228 24.50 -1.83 -24.40
N GLU C 229 23.26 -2.15 -24.01
CA GLU C 229 22.41 -3.03 -24.80
C GLU C 229 21.77 -2.30 -25.96
N SER C 230 22.41 -1.23 -26.42
CA SER C 230 21.92 -0.44 -27.53
C SER C 230 22.65 -0.86 -28.78
N LYS C 231 21.99 -0.69 -29.92
CA LYS C 231 22.57 -1.02 -31.21
C LYS C 231 22.36 0.14 -32.16
N VAL C 232 23.17 0.20 -33.21
CA VAL C 232 23.04 1.27 -34.17
C VAL C 232 22.85 0.66 -35.54
N VAL C 233 21.82 1.11 -36.25
CA VAL C 233 21.52 0.58 -37.57
C VAL C 233 21.52 1.69 -38.63
N PHE C 234 22.22 1.43 -39.73
CA PHE C 234 22.28 2.36 -40.87
C PHE C 234 21.32 1.92 -41.97
N THR C 235 20.71 2.86 -42.67
CA THR C 235 19.80 2.51 -43.75
C THR C 235 19.97 3.46 -44.93
N GLU C 236 19.09 3.31 -45.91
CA GLU C 236 19.09 4.13 -47.12
C GLU C 236 17.88 3.72 -47.93
N LYS C 237 17.03 4.67 -48.24
CA LYS C 237 15.83 4.38 -49.01
C LYS C 237 15.75 5.28 -50.23
N THR C 238 14.82 4.95 -51.12
CA THR C 238 14.60 5.72 -52.35
C THR C 238 13.50 6.72 -52.06
N THR C 239 13.30 7.67 -52.94
CA THR C 239 12.26 8.66 -52.73
C THR C 239 10.96 8.00 -52.28
N ASP C 240 10.78 6.74 -52.63
CA ASP C 240 9.58 5.99 -52.25
C ASP C 240 9.57 5.58 -50.78
N GLY C 241 10.76 5.45 -50.20
CA GLY C 241 10.86 5.04 -48.80
C GLY C 241 11.34 3.60 -48.72
N GLN C 242 11.61 3.01 -49.88
CA GLN C 242 12.08 1.64 -49.94
C GLN C 242 13.50 1.55 -49.40
N GLN C 243 13.64 1.00 -48.20
CA GLN C 243 14.95 0.85 -47.59
C GLN C 243 15.75 -0.10 -48.46
N ILE C 244 16.67 0.46 -49.25
CA ILE C 244 17.51 -0.34 -50.14
C ILE C 244 18.87 -0.70 -49.53
N TRP C 245 18.94 -0.70 -48.21
CA TRP C 245 20.16 -1.05 -47.51
C TRP C 245 19.90 -1.05 -46.02
N GLU C 246 20.67 -1.82 -45.29
CA GLU C 246 20.48 -1.90 -43.85
C GLU C 246 21.64 -2.62 -43.18
N MET C 247 22.60 -1.85 -42.70
CA MET C 247 23.77 -2.40 -42.03
C MET C 247 23.79 -2.04 -40.55
N GLU C 248 24.18 -2.97 -39.70
CA GLU C 248 24.26 -2.68 -38.27
C GLU C 248 25.71 -2.32 -37.95
N ALA C 249 25.90 -1.22 -37.24
CA ALA C 249 27.24 -0.78 -36.87
C ALA C 249 27.65 -1.36 -35.54
N THR C 250 28.94 -1.53 -35.36
CA THR C 250 29.49 -2.06 -34.11
C THR C 250 29.62 -0.96 -33.06
N VAL C 251 29.15 -1.26 -31.85
CA VAL C 251 29.21 -0.33 -30.73
C VAL C 251 30.32 -0.71 -29.76
N ASP C 252 31.01 0.29 -29.21
CA ASP C 252 32.07 0.02 -28.25
C ASP C 252 31.44 -0.10 -26.87
N LYS C 253 30.95 -1.29 -26.55
CA LYS C 253 30.30 -1.58 -25.28
C LYS C 253 30.97 -0.95 -24.07
N ASP C 254 32.30 -0.96 -24.04
CA ASP C 254 33.05 -0.39 -22.91
C ASP C 254 32.88 1.11 -22.77
N LYS C 255 33.43 1.85 -23.73
CA LYS C 255 33.36 3.30 -23.72
C LYS C 255 31.95 3.88 -23.63
N SER C 256 30.97 3.21 -24.22
CA SER C 256 29.61 3.70 -24.20
C SER C 256 29.02 3.93 -22.81
N GLN C 257 28.11 4.88 -22.72
CA GLN C 257 27.44 5.26 -21.49
C GLN C 257 26.06 5.84 -21.78
N PRO C 258 25.23 6.05 -20.73
CA PRO C 258 23.87 6.58 -20.86
C PRO C 258 23.68 7.68 -21.89
N ASN C 259 24.60 8.65 -21.92
CA ASN C 259 24.52 9.78 -22.84
C ASN C 259 25.54 9.81 -23.96
N MET C 260 26.46 8.86 -23.96
CA MET C 260 27.49 8.78 -25.00
C MET C 260 27.63 7.38 -25.62
N LEU C 261 27.27 7.27 -26.90
CA LEU C 261 27.36 6.00 -27.60
C LEU C 261 28.50 6.02 -28.64
N PHE C 262 29.47 5.13 -28.49
CA PHE C 262 30.58 5.06 -29.44
C PHE C 262 30.25 4.04 -30.53
N VAL C 263 30.41 4.43 -31.79
CA VAL C 263 30.07 3.52 -32.87
C VAL C 263 31.11 3.39 -33.97
N GLU C 264 31.19 2.19 -34.57
CA GLU C 264 32.11 1.93 -35.65
C GLU C 264 31.34 2.03 -36.95
N ILE C 265 31.59 3.10 -37.70
CA ILE C 265 30.90 3.31 -38.98
C ILE C 265 31.12 2.13 -39.92
N PRO C 266 30.06 1.38 -40.21
CA PRO C 266 30.18 0.23 -41.10
C PRO C 266 30.59 0.68 -42.50
N GLU C 267 31.21 -0.23 -43.25
CA GLU C 267 31.63 0.07 -44.61
C GLU C 267 30.40 0.22 -45.48
N TYR C 268 30.48 1.00 -46.53
CA TYR C 268 29.33 1.18 -47.40
C TYR C 268 29.17 0.00 -48.34
N ARG C 269 27.96 -0.17 -48.86
CA ARG C 269 27.67 -1.27 -49.77
C ARG C 269 28.41 -1.15 -51.10
N ASN C 270 28.29 0.01 -51.76
CA ASN C 270 28.97 0.24 -53.04
C ASN C 270 30.30 0.94 -52.87
N LYS C 271 31.37 0.15 -52.90
CA LYS C 271 32.73 0.66 -52.75
C LYS C 271 33.04 1.85 -53.66
N HIS C 272 32.81 1.69 -54.95
CA HIS C 272 33.12 2.74 -55.91
C HIS C 272 31.94 3.54 -56.45
N ILE C 273 31.78 4.75 -55.92
CA ILE C 273 30.74 5.67 -56.33
C ILE C 273 31.51 6.93 -56.70
N ARG C 274 30.88 7.85 -57.43
CA ARG C 274 31.56 9.07 -57.82
C ARG C 274 30.96 10.25 -57.05
N THR C 275 29.66 10.18 -56.80
CA THR C 275 28.95 11.24 -56.06
C THR C 275 28.70 10.87 -54.60
N PRO C 276 28.54 11.89 -53.72
CA PRO C 276 28.30 11.63 -52.30
C PRO C 276 26.92 11.00 -52.09
N VAL C 277 26.86 9.99 -51.24
CA VAL C 277 25.61 9.30 -50.96
C VAL C 277 25.10 9.70 -49.56
N LYS C 278 23.84 10.12 -49.51
CA LYS C 278 23.22 10.52 -48.26
C LYS C 278 22.48 9.31 -47.68
N VAL C 279 22.93 8.86 -46.51
CA VAL C 279 22.32 7.72 -45.83
C VAL C 279 21.79 8.15 -44.46
N ASN C 280 21.16 7.21 -43.77
CA ASN C 280 20.59 7.44 -42.44
C ASN C 280 21.06 6.37 -41.45
N PHE C 281 20.78 6.60 -40.17
CA PHE C 281 21.13 5.64 -39.12
C PHE C 281 20.30 5.97 -37.90
N TYR C 282 19.95 4.94 -37.12
CA TYR C 282 19.16 5.17 -35.92
C TYR C 282 19.70 4.33 -34.77
N VAL C 283 19.31 4.66 -33.54
CA VAL C 283 19.74 3.91 -32.38
C VAL C 283 18.55 3.09 -31.93
N ILE C 284 18.79 1.95 -31.30
CA ILE C 284 17.67 1.13 -30.88
C ILE C 284 17.89 0.36 -29.58
N ASN C 285 16.85 0.36 -28.75
CA ASN C 285 16.89 -0.35 -27.49
C ASN C 285 15.82 -1.42 -27.56
N GLY C 286 16.22 -2.67 -27.47
CA GLY C 286 15.24 -3.75 -27.55
C GLY C 286 14.77 -3.88 -28.99
N LYS C 287 13.71 -4.65 -29.22
CA LYS C 287 13.20 -4.84 -30.57
C LYS C 287 12.42 -3.65 -31.13
N ARG C 288 11.74 -2.92 -30.25
CA ARG C 288 10.92 -1.80 -30.68
C ARG C 288 11.59 -0.43 -30.58
N LYS C 289 11.51 0.18 -29.40
CA LYS C 289 12.07 1.50 -29.14
C LYS C 289 13.31 1.93 -29.94
N ARG C 290 13.09 2.76 -30.94
CA ARG C 290 14.20 3.23 -31.76
C ARG C 290 14.07 4.75 -31.94
N SER C 291 15.21 5.42 -32.03
CA SER C 291 15.25 6.87 -32.21
C SER C 291 14.83 7.19 -33.62
N GLN C 292 14.68 8.47 -33.92
CA GLN C 292 14.30 8.85 -35.26
C GLN C 292 15.54 8.81 -36.15
N PRO C 293 15.34 8.62 -37.46
CA PRO C 293 16.44 8.56 -38.41
C PRO C 293 17.36 9.76 -38.28
N GLN C 294 18.66 9.51 -38.28
CA GLN C 294 19.63 10.58 -38.20
C GLN C 294 20.26 10.66 -39.58
N HIS C 295 21.09 11.67 -39.82
CA HIS C 295 21.71 11.82 -41.14
C HIS C 295 23.22 11.67 -41.20
N PHE C 296 23.68 11.00 -42.24
CA PHE C 296 25.10 10.76 -42.45
C PHE C 296 25.40 10.70 -43.95
N THR C 297 26.66 10.96 -44.32
CA THR C 297 27.04 10.93 -45.74
C THR C 297 28.36 10.23 -46.02
N TYR C 298 28.31 9.33 -47.00
CA TYR C 298 29.49 8.59 -47.42
C TYR C 298 30.10 9.31 -48.61
N HIS C 299 31.43 9.38 -48.65
CA HIS C 299 32.11 10.06 -49.75
C HIS C 299 32.83 9.10 -50.71
N PRO C 300 32.72 9.37 -52.04
CA PRO C 300 33.36 8.53 -53.06
C PRO C 300 34.83 8.36 -52.75
N VAL C 301 35.38 7.21 -53.11
CA VAL C 301 36.79 6.93 -52.85
C VAL C 301 37.68 8.12 -53.24
N VAL D 18 -40.01 -6.95 -14.56
CA VAL D 18 -39.34 -6.98 -13.24
C VAL D 18 -37.85 -7.35 -13.36
N PRO D 19 -37.51 -8.42 -14.09
CA PRO D 19 -36.07 -8.72 -14.15
C PRO D 19 -35.24 -7.63 -14.81
N LEU D 20 -34.08 -7.36 -14.21
CA LEU D 20 -33.16 -6.34 -14.71
C LEU D 20 -33.01 -6.42 -16.21
N GLU D 21 -32.36 -7.47 -16.70
CA GLU D 21 -32.20 -7.63 -18.14
C GLU D 21 -33.51 -8.00 -18.79
N TRP D 22 -34.16 -7.02 -19.42
CA TRP D 22 -35.42 -7.25 -20.07
C TRP D 22 -35.69 -6.01 -20.90
N PRO D 23 -36.23 -6.18 -22.11
CA PRO D 23 -36.55 -5.10 -23.05
C PRO D 23 -37.57 -4.11 -22.52
N LEU D 24 -37.20 -2.85 -22.37
CA LEU D 24 -38.14 -1.86 -21.88
C LEU D 24 -37.97 -0.52 -22.57
N SER D 25 -39.09 0.11 -22.89
CA SER D 25 -39.03 1.41 -23.55
C SER D 25 -39.03 2.46 -22.47
N SER D 26 -38.66 3.68 -22.82
CA SER D 26 -38.65 4.76 -21.85
C SER D 26 -40.02 5.42 -21.79
N GLN D 27 -40.89 5.08 -22.73
CA GLN D 27 -42.22 5.68 -22.73
C GLN D 27 -43.32 4.72 -23.18
N SER D 28 -44.49 4.86 -22.56
CA SER D 28 -45.67 4.04 -22.87
C SER D 28 -46.90 4.90 -22.61
N GLY D 29 -47.90 4.80 -23.48
CA GLY D 29 -49.10 5.61 -23.29
C GLY D 29 -48.68 7.05 -23.05
N SER D 30 -49.21 7.66 -22.00
CA SER D 30 -48.90 9.05 -21.67
C SER D 30 -47.84 9.11 -20.59
N TYR D 31 -46.96 8.12 -20.59
CA TYR D 31 -45.89 8.02 -19.62
C TYR D 31 -44.55 8.02 -20.31
N GLU D 32 -43.66 8.91 -19.90
CA GLU D 32 -42.34 8.97 -20.51
C GLU D 32 -41.29 9.31 -19.47
N LEU D 33 -40.24 8.49 -19.44
CA LEU D 33 -39.13 8.65 -18.51
C LEU D 33 -37.96 9.25 -19.27
N ARG D 34 -37.55 10.44 -18.86
CA ARG D 34 -36.43 11.10 -19.52
C ARG D 34 -35.24 11.41 -18.65
N ILE D 35 -34.09 11.49 -19.30
CA ILE D 35 -32.85 11.85 -18.65
C ILE D 35 -32.77 13.34 -18.97
N GLU D 36 -33.46 14.17 -18.19
CA GLU D 36 -33.43 15.61 -18.42
C GLU D 36 -31.99 16.14 -18.45
N VAL D 37 -31.09 15.52 -17.69
CA VAL D 37 -29.68 15.93 -17.65
C VAL D 37 -28.68 14.77 -17.67
N GLN D 38 -28.07 14.54 -18.83
CA GLN D 38 -27.11 13.46 -19.02
C GLN D 38 -25.82 13.70 -18.26
N PRO D 39 -25.15 12.61 -17.85
CA PRO D 39 -23.91 12.69 -17.12
C PRO D 39 -22.75 13.02 -18.06
N LYS D 40 -21.57 13.18 -17.49
CA LYS D 40 -20.41 13.48 -18.29
C LYS D 40 -20.04 12.22 -19.04
N PRO D 41 -19.22 12.35 -20.09
CA PRO D 41 -18.78 11.22 -20.89
C PRO D 41 -17.85 10.30 -20.12
N HIS D 42 -16.99 10.87 -19.29
CA HIS D 42 -16.06 10.06 -18.53
C HIS D 42 -16.33 10.16 -17.03
N HIS D 43 -15.90 9.15 -16.28
CA HIS D 43 -16.04 9.09 -14.83
C HIS D 43 -15.22 7.95 -14.23
N ARG D 44 -13.96 8.21 -13.96
CA ARG D 44 -13.13 7.16 -13.38
C ARG D 44 -13.84 6.47 -12.21
N ALA D 45 -14.02 5.17 -12.30
CA ALA D 45 -14.68 4.40 -11.25
C ALA D 45 -13.66 4.09 -10.19
N HIS D 46 -14.14 3.71 -9.01
CA HIS D 46 -13.21 3.40 -7.93
C HIS D 46 -13.29 1.94 -7.51
N TYR D 47 -12.19 1.43 -6.98
CA TYR D 47 -12.13 0.07 -6.50
C TYR D 47 -12.53 -0.02 -5.04
N GLU D 48 -12.91 -1.20 -4.56
CA GLU D 48 -13.30 -1.35 -3.17
C GLU D 48 -12.13 -1.03 -2.28
N THR D 49 -10.93 -1.28 -2.78
CA THR D 49 -9.71 -1.04 -2.00
C THR D 49 -9.28 0.42 -1.94
N GLU D 50 -10.01 1.28 -2.63
CA GLU D 50 -9.73 2.71 -2.64
C GLU D 50 -10.90 3.33 -1.92
N GLY D 51 -10.85 4.65 -1.75
CA GLY D 51 -11.96 5.30 -1.10
C GLY D 51 -13.02 5.31 -2.19
N SER D 52 -13.93 6.27 -2.11
CA SER D 52 -14.96 6.37 -3.11
C SER D 52 -14.41 7.45 -4.03
N ARG D 53 -14.82 7.48 -5.27
CA ARG D 53 -14.33 8.53 -6.13
C ARG D 53 -15.43 9.53 -6.45
N GLY D 54 -16.48 9.45 -5.65
CA GLY D 54 -17.60 10.37 -5.80
C GLY D 54 -18.69 9.97 -6.76
N ALA D 55 -19.69 10.83 -6.87
CA ALA D 55 -20.80 10.58 -7.76
C ALA D 55 -20.58 11.06 -9.20
N VAL D 56 -21.32 10.43 -10.10
CA VAL D 56 -21.29 10.76 -11.49
C VAL D 56 -21.86 12.17 -11.60
N LYS D 57 -21.12 13.08 -12.24
CA LYS D 57 -21.60 14.45 -12.38
C LYS D 57 -21.92 14.77 -13.83
N ALA D 58 -22.58 15.90 -14.04
CA ALA D 58 -22.93 16.36 -15.38
C ALA D 58 -21.85 17.32 -15.83
N PRO D 59 -21.78 17.60 -17.12
CA PRO D 59 -20.76 18.51 -17.64
C PRO D 59 -20.72 19.84 -16.89
N THR D 60 -21.89 20.37 -16.61
CA THR D 60 -22.07 21.65 -15.92
C THR D 60 -21.34 21.75 -14.59
N GLY D 61 -21.08 20.61 -13.98
CA GLY D 61 -20.45 20.62 -12.68
C GLY D 61 -21.53 20.13 -11.76
N GLY D 62 -22.76 20.13 -12.28
CA GLY D 62 -23.90 19.66 -11.51
C GLY D 62 -24.02 18.15 -11.58
N HIS D 63 -25.25 17.65 -11.52
CA HIS D 63 -25.49 16.22 -11.57
C HIS D 63 -26.58 15.87 -12.56
N PRO D 64 -26.70 14.58 -12.88
CA PRO D 64 -27.74 14.21 -13.83
C PRO D 64 -29.09 14.35 -13.17
N VAL D 65 -30.11 14.43 -14.02
CA VAL D 65 -31.48 14.57 -13.58
C VAL D 65 -32.38 13.68 -14.42
N VAL D 66 -33.32 13.01 -13.75
CA VAL D 66 -34.26 12.14 -14.43
C VAL D 66 -35.66 12.62 -14.10
N GLN D 67 -36.62 12.36 -14.98
CA GLN D 67 -37.98 12.82 -14.72
C GLN D 67 -39.03 11.94 -15.38
N LEU D 68 -40.19 11.85 -14.72
CA LEU D 68 -41.29 11.05 -15.22
C LEU D 68 -42.46 11.93 -15.58
N HIS D 69 -42.75 12.03 -16.87
CA HIS D 69 -43.84 12.86 -17.34
C HIS D 69 -45.11 12.05 -17.54
N GLY D 70 -46.27 12.67 -17.29
CA GLY D 70 -47.54 11.98 -17.49
C GLY D 70 -48.21 11.43 -16.25
N TYR D 71 -47.52 11.52 -15.11
CA TYR D 71 -48.03 11.05 -13.84
C TYR D 71 -49.14 11.95 -13.29
N MET D 72 -50.24 11.34 -12.87
CA MET D 72 -51.37 12.08 -12.34
C MET D 72 -51.48 11.92 -10.83
N GLU D 73 -51.36 10.67 -10.39
CA GLU D 73 -51.44 10.30 -8.98
C GLU D 73 -50.72 11.24 -8.05
N ASN D 74 -50.86 10.97 -6.76
CA ASN D 74 -50.24 11.82 -5.75
C ASN D 74 -49.32 11.04 -4.83
N LYS D 75 -49.11 9.76 -5.13
CA LYS D 75 -48.24 8.91 -4.32
C LYS D 75 -46.86 8.86 -4.95
N PRO D 76 -45.82 9.19 -4.17
CA PRO D 76 -44.47 9.16 -4.70
C PRO D 76 -44.12 7.78 -5.21
N LEU D 77 -43.19 7.73 -6.15
CA LEU D 77 -42.74 6.48 -6.74
C LEU D 77 -41.28 6.26 -6.41
N GLY D 78 -40.77 5.12 -6.85
CA GLY D 78 -39.38 4.82 -6.61
C GLY D 78 -38.64 4.74 -7.92
N LEU D 79 -37.58 5.53 -8.03
CA LEU D 79 -36.78 5.50 -9.24
C LEU D 79 -35.67 4.52 -8.94
N GLN D 80 -35.44 3.59 -9.86
CA GLN D 80 -34.40 2.60 -9.64
C GLN D 80 -33.17 2.95 -10.45
N ILE D 81 -32.00 2.68 -9.87
CA ILE D 81 -30.75 3.01 -10.55
C ILE D 81 -29.80 1.85 -10.48
N PHE D 82 -29.12 1.58 -11.60
CA PHE D 82 -28.12 0.53 -11.66
C PHE D 82 -27.21 0.76 -12.85
N ILE D 83 -25.98 0.24 -12.77
CA ILE D 83 -24.99 0.39 -13.84
C ILE D 83 -25.15 -0.72 -14.88
N GLY D 84 -25.49 -0.34 -16.10
CA GLY D 84 -25.68 -1.30 -17.17
C GLY D 84 -24.61 -1.27 -18.24
N THR D 85 -24.81 -2.06 -19.29
CA THR D 85 -23.87 -2.17 -20.40
C THR D 85 -24.05 -1.11 -21.46
N ALA D 86 -22.98 -0.86 -22.23
CA ALA D 86 -23.01 0.15 -23.29
C ALA D 86 -22.91 -0.51 -24.66
N ASP D 87 -22.30 -1.69 -24.70
CA ASP D 87 -22.12 -2.43 -25.93
C ASP D 87 -23.42 -2.46 -26.73
N GLU D 88 -23.33 -2.95 -27.96
CA GLU D 88 -24.49 -3.06 -28.85
C GLU D 88 -25.65 -3.81 -28.19
N ARG D 89 -25.43 -5.09 -27.86
CA ARG D 89 -26.44 -5.92 -27.24
C ARG D 89 -27.37 -5.13 -26.35
N ILE D 90 -28.62 -5.59 -26.26
CA ILE D 90 -29.64 -4.93 -25.46
C ILE D 90 -29.24 -4.79 -23.98
N LEU D 91 -29.57 -3.63 -23.41
CA LEU D 91 -29.25 -3.29 -22.04
C LEU D 91 -29.29 -4.46 -21.05
N LYS D 92 -28.25 -4.55 -20.23
CA LYS D 92 -28.13 -5.60 -19.24
C LYS D 92 -27.18 -5.12 -18.14
N PRO D 93 -27.39 -5.56 -16.90
CA PRO D 93 -26.51 -5.11 -15.82
C PRO D 93 -25.05 -5.44 -16.14
N HIS D 94 -24.18 -4.45 -15.99
CA HIS D 94 -22.77 -4.62 -16.27
C HIS D 94 -22.13 -5.44 -15.16
N ALA D 95 -21.75 -6.67 -15.46
CA ALA D 95 -21.17 -7.53 -14.46
C ALA D 95 -19.92 -7.00 -13.75
N PHE D 96 -19.31 -5.95 -14.29
CA PHE D 96 -18.09 -5.43 -13.69
C PHE D 96 -18.16 -4.08 -12.97
N TYR D 97 -19.37 -3.55 -12.86
CA TYR D 97 -19.58 -2.28 -12.22
C TYR D 97 -20.81 -2.37 -11.35
N GLN D 98 -20.83 -1.60 -10.28
CA GLN D 98 -21.95 -1.58 -9.36
C GLN D 98 -22.16 -0.13 -8.98
N VAL D 99 -23.42 0.31 -8.83
CA VAL D 99 -23.65 1.69 -8.39
C VAL D 99 -23.21 1.75 -6.96
N HIS D 100 -22.54 2.82 -6.60
CA HIS D 100 -22.06 3.02 -5.26
C HIS D 100 -22.94 4.06 -4.63
N ARG D 101 -23.51 3.75 -3.47
CA ARG D 101 -24.36 4.71 -2.80
C ARG D 101 -23.56 5.80 -2.11
N ILE D 102 -23.83 7.05 -2.51
CA ILE D 102 -23.14 8.20 -1.94
C ILE D 102 -23.97 8.73 -0.79
N THR D 103 -23.31 8.86 0.36
CA THR D 103 -23.95 9.31 1.58
C THR D 103 -23.60 10.73 2.03
N GLY D 104 -24.59 11.41 2.60
CA GLY D 104 -24.44 12.76 3.11
C GLY D 104 -23.38 13.67 2.52
N LYS D 105 -22.66 14.37 3.40
CA LYS D 105 -21.60 15.30 3.02
C LYS D 105 -22.22 16.50 2.28
N THR D 106 -23.08 16.21 1.30
CA THR D 106 -23.77 17.22 0.49
C THR D 106 -24.86 16.58 -0.35
N VAL D 107 -24.98 15.25 -0.27
CA VAL D 107 -25.99 14.52 -1.06
C VAL D 107 -27.41 15.01 -0.75
N THR D 108 -28.18 15.34 -1.78
CA THR D 108 -29.52 15.82 -1.52
C THR D 108 -30.58 14.74 -1.65
N THR D 109 -30.52 13.93 -2.71
CA THR D 109 -31.56 12.92 -2.81
C THR D 109 -31.30 11.73 -1.88
N THR D 110 -32.31 11.41 -1.07
CA THR D 110 -32.23 10.28 -0.16
C THR D 110 -32.13 9.03 -1.03
N SER D 111 -31.45 7.99 -0.56
CA SER D 111 -31.32 6.77 -1.36
C SER D 111 -31.24 5.50 -0.55
N TYR D 112 -31.85 4.44 -1.07
CA TYR D 112 -31.85 3.13 -0.41
C TYR D 112 -31.06 2.18 -1.31
N GLU D 113 -30.35 1.24 -0.69
CA GLU D 113 -29.52 0.30 -1.42
C GLU D 113 -30.00 -1.13 -1.24
N LYS D 114 -30.02 -1.91 -2.32
CA LYS D 114 -30.45 -3.30 -2.24
C LYS D 114 -29.83 -4.10 -3.37
N ILE D 115 -29.77 -5.42 -3.18
CA ILE D 115 -29.19 -6.31 -4.16
C ILE D 115 -30.27 -6.97 -5.00
N VAL D 116 -29.92 -7.39 -6.19
CA VAL D 116 -30.87 -8.05 -7.08
C VAL D 116 -30.09 -9.01 -7.94
N GLY D 117 -29.88 -10.22 -7.43
CA GLY D 117 -29.12 -11.20 -8.17
C GLY D 117 -27.68 -10.95 -7.77
N ASN D 118 -26.93 -10.27 -8.63
CA ASN D 118 -25.54 -9.95 -8.33
C ASN D 118 -25.41 -8.46 -8.60
N THR D 119 -26.55 -7.82 -8.79
CA THR D 119 -26.56 -6.40 -9.08
C THR D 119 -27.06 -5.58 -7.91
N LYS D 120 -26.29 -4.56 -7.53
CA LYS D 120 -26.71 -3.69 -6.46
C LYS D 120 -27.56 -2.63 -7.13
N VAL D 121 -28.60 -2.18 -6.45
CA VAL D 121 -29.47 -1.20 -7.06
C VAL D 121 -29.92 -0.15 -6.07
N LEU D 122 -29.68 1.11 -6.43
CA LEU D 122 -30.08 2.22 -5.61
C LEU D 122 -31.52 2.60 -5.95
N GLU D 123 -32.25 3.19 -5.00
CA GLU D 123 -33.60 3.63 -5.28
C GLU D 123 -33.94 4.93 -4.58
N ILE D 124 -34.02 6.02 -5.34
CA ILE D 124 -34.36 7.31 -4.77
C ILE D 124 -35.83 7.55 -5.06
N PRO D 125 -36.47 8.49 -4.34
CA PRO D 125 -37.88 8.79 -4.54
C PRO D 125 -38.20 9.84 -5.59
N LEU D 126 -39.32 9.64 -6.27
CA LEU D 126 -39.81 10.56 -7.29
C LEU D 126 -41.11 11.14 -6.78
N GLU D 127 -41.01 12.15 -5.94
CA GLU D 127 -42.18 12.78 -5.36
C GLU D 127 -42.85 13.77 -6.29
N PRO D 128 -44.18 13.71 -6.38
CA PRO D 128 -44.96 14.61 -7.23
C PRO D 128 -44.81 16.06 -6.81
N LYS D 129 -44.45 16.28 -5.55
CA LYS D 129 -44.26 17.64 -5.08
C LYS D 129 -43.12 18.27 -5.87
N ASN D 130 -42.47 17.44 -6.68
CA ASN D 130 -41.34 17.87 -7.50
C ASN D 130 -41.51 17.45 -8.95
N ASN D 131 -42.74 17.42 -9.42
CA ASN D 131 -43.02 17.03 -10.81
C ASN D 131 -42.32 15.74 -11.17
N MET D 132 -42.19 14.84 -10.20
CA MET D 132 -41.56 13.56 -10.45
C MET D 132 -40.19 13.77 -11.10
N ARG D 133 -39.47 14.78 -10.63
CA ARG D 133 -38.13 15.11 -11.13
C ARG D 133 -37.20 14.64 -10.02
N ALA D 134 -36.02 14.14 -10.37
CA ALA D 134 -35.06 13.65 -9.39
C ALA D 134 -33.62 14.00 -9.75
N THR D 135 -32.86 14.46 -8.77
CA THR D 135 -31.48 14.82 -9.02
C THR D 135 -30.49 13.76 -8.55
N ILE D 136 -30.21 12.83 -9.44
CA ILE D 136 -29.29 11.75 -9.14
C ILE D 136 -27.94 12.35 -8.79
N ASP D 137 -27.61 12.38 -7.50
CA ASP D 137 -26.31 12.90 -7.05
C ASP D 137 -25.77 12.07 -5.90
N CYS D 138 -26.33 10.88 -5.77
CA CYS D 138 -25.94 9.93 -4.74
C CYS D 138 -25.49 8.66 -5.44
N ALA D 139 -25.23 8.75 -6.74
CA ALA D 139 -24.81 7.57 -7.49
C ALA D 139 -23.34 7.61 -7.89
N GLY D 140 -22.57 6.67 -7.36
CA GLY D 140 -21.17 6.59 -7.70
C GLY D 140 -20.96 5.35 -8.53
N ILE D 141 -19.71 5.00 -8.82
CA ILE D 141 -19.47 3.81 -9.63
C ILE D 141 -18.30 2.95 -9.14
N LEU D 142 -18.65 1.85 -8.48
CA LEU D 142 -17.65 0.93 -7.97
C LEU D 142 -17.25 0.04 -9.15
N LYS D 143 -16.05 -0.51 -9.07
CA LYS D 143 -15.51 -1.37 -10.12
C LYS D 143 -15.06 -2.69 -9.50
N LEU D 144 -15.72 -3.78 -9.89
CA LEU D 144 -15.38 -5.12 -9.37
C LEU D 144 -14.12 -5.61 -10.03
N ARG D 145 -13.44 -6.56 -9.42
CA ARG D 145 -12.23 -7.06 -10.02
C ARG D 145 -12.54 -8.22 -10.95
N ASN D 146 -12.22 -8.01 -12.23
CA ASN D 146 -12.47 -9.02 -13.25
C ASN D 146 -12.25 -10.43 -12.74
N ALA D 147 -11.04 -10.71 -12.27
CA ALA D 147 -10.74 -12.05 -11.75
C ALA D 147 -11.85 -12.56 -10.84
N ASP D 148 -12.33 -11.70 -9.95
CA ASP D 148 -13.41 -12.08 -9.03
C ASP D 148 -14.69 -12.47 -9.74
N ILE D 149 -15.02 -11.76 -10.81
CA ILE D 149 -16.25 -12.03 -11.55
C ILE D 149 -16.16 -13.17 -12.55
N GLU D 150 -15.17 -13.13 -13.43
CA GLU D 150 -14.99 -14.18 -14.43
C GLU D 150 -15.05 -15.55 -13.77
N LEU D 151 -14.24 -15.73 -12.74
CA LEU D 151 -14.16 -16.98 -11.99
C LEU D 151 -15.54 -17.46 -11.50
N ARG D 152 -16.53 -16.56 -11.54
CA ARG D 152 -17.89 -16.89 -11.12
C ARG D 152 -18.48 -17.95 -12.06
N LYS D 153 -19.04 -19.00 -11.47
CA LYS D 153 -19.65 -20.07 -12.26
C LYS D 153 -20.94 -19.63 -12.93
N GLY D 154 -20.86 -19.35 -14.22
CA GLY D 154 -22.02 -18.91 -14.96
C GLY D 154 -21.64 -17.83 -15.95
N GLU D 155 -21.02 -16.77 -15.44
CA GLU D 155 -20.60 -15.67 -16.29
C GLU D 155 -19.68 -16.12 -17.41
N THR D 156 -20.01 -15.67 -18.62
CA THR D 156 -19.23 -15.99 -19.81
C THR D 156 -18.73 -14.72 -20.48
N ASP D 157 -18.80 -13.60 -19.76
CA ASP D 157 -18.35 -12.31 -20.27
C ASP D 157 -16.90 -12.02 -19.89
N ILE D 158 -16.36 -10.92 -20.40
CA ILE D 158 -14.99 -10.54 -20.10
C ILE D 158 -14.92 -9.09 -19.63
N GLY D 159 -14.23 -8.87 -18.52
CA GLY D 159 -14.07 -7.52 -17.99
C GLY D 159 -13.02 -6.79 -18.78
N ARG D 160 -11.92 -7.49 -19.08
CA ARG D 160 -10.80 -6.94 -19.85
C ARG D 160 -11.33 -5.98 -20.93
N LYS D 161 -10.68 -4.83 -21.07
CA LYS D 161 -11.06 -3.81 -22.04
C LYS D 161 -12.54 -3.40 -22.11
N ASN D 162 -13.37 -3.94 -21.24
CA ASN D 162 -14.77 -3.54 -21.23
C ASN D 162 -14.97 -2.57 -20.06
N THR D 163 -14.78 -1.29 -20.34
CA THR D 163 -14.86 -0.24 -19.33
C THR D 163 -15.83 0.91 -19.66
N ARG D 164 -16.95 0.60 -20.31
CA ARG D 164 -17.95 1.62 -20.62
C ARG D 164 -19.25 1.19 -19.98
N VAL D 165 -20.09 2.15 -19.62
CA VAL D 165 -21.35 1.81 -18.99
C VAL D 165 -22.43 2.82 -19.28
N ARG D 166 -23.58 2.58 -18.69
CA ARG D 166 -24.71 3.49 -18.82
C ARG D 166 -25.50 3.46 -17.53
N LEU D 167 -25.87 4.63 -17.04
CA LEU D 167 -26.66 4.72 -15.84
C LEU D 167 -28.03 4.28 -16.29
N VAL D 168 -28.59 3.26 -15.65
CA VAL D 168 -29.90 2.83 -16.06
C VAL D 168 -30.92 3.24 -15.01
N PHE D 169 -31.95 3.93 -15.45
CA PHE D 169 -33.00 4.38 -14.56
C PHE D 169 -34.30 3.75 -14.94
N ARG D 170 -35.05 3.29 -13.96
CA ARG D 170 -36.36 2.76 -14.29
C ARG D 170 -37.33 2.93 -13.14
N VAL D 171 -38.57 3.15 -13.53
CA VAL D 171 -39.67 3.37 -12.61
C VAL D 171 -40.81 2.43 -12.96
N HIS D 172 -41.51 1.93 -11.95
CA HIS D 172 -42.64 1.05 -12.15
C HIS D 172 -43.91 1.83 -11.78
N ILE D 173 -44.78 2.02 -12.75
CA ILE D 173 -46.01 2.78 -12.54
C ILE D 173 -47.20 1.87 -12.31
N PRO D 174 -47.72 1.87 -11.08
CA PRO D 174 -48.88 1.06 -10.68
C PRO D 174 -50.16 1.72 -11.18
N GLU D 175 -50.97 0.93 -11.87
CA GLU D 175 -52.24 1.43 -12.37
C GLU D 175 -53.40 0.94 -11.51
N SER D 176 -54.38 1.81 -11.30
CA SER D 176 -55.55 1.48 -10.52
C SER D 176 -56.28 0.28 -11.12
N SER D 177 -55.69 -0.31 -12.16
CA SER D 177 -56.28 -1.45 -12.85
C SER D 177 -55.49 -2.74 -12.61
N GLY D 178 -54.73 -2.77 -11.51
CA GLY D 178 -53.93 -3.93 -11.16
C GLY D 178 -52.69 -4.07 -12.02
N ARG D 179 -52.73 -3.40 -13.18
CA ARG D 179 -51.63 -3.43 -14.15
C ARG D 179 -50.44 -2.58 -13.70
N ILE D 180 -49.30 -2.84 -14.32
CA ILE D 180 -48.10 -2.10 -13.99
C ILE D 180 -47.28 -1.76 -15.23
N VAL D 181 -47.11 -0.46 -15.47
CA VAL D 181 -46.35 0.03 -16.61
C VAL D 181 -44.92 0.28 -16.17
N SER D 182 -43.98 -0.49 -16.70
CA SER D 182 -42.59 -0.35 -16.33
C SER D 182 -41.75 0.29 -17.41
N LEU D 183 -41.20 1.47 -17.11
CA LEU D 183 -40.36 2.20 -18.05
C LEU D 183 -38.91 2.12 -17.64
N GLN D 184 -38.03 2.15 -18.64
CA GLN D 184 -36.59 2.12 -18.40
C GLN D 184 -35.87 3.14 -19.27
N THR D 185 -34.75 3.66 -18.78
CA THR D 185 -34.00 4.67 -19.50
C THR D 185 -32.50 4.67 -19.22
N ALA D 186 -31.71 4.70 -20.29
CA ALA D 186 -30.26 4.70 -20.14
C ALA D 186 -29.63 6.05 -20.44
N SER D 187 -28.47 6.26 -19.85
CA SER D 187 -27.73 7.49 -20.03
C SER D 187 -26.88 7.27 -21.25
N ASN D 188 -26.10 8.26 -21.64
CA ASN D 188 -25.21 8.08 -22.76
C ASN D 188 -24.07 7.25 -22.20
N PRO D 189 -23.28 6.64 -23.07
CA PRO D 189 -22.18 5.83 -22.57
C PRO D 189 -21.23 6.64 -21.68
N ILE D 190 -20.70 6.01 -20.63
CA ILE D 190 -19.77 6.64 -19.71
C ILE D 190 -18.49 5.82 -19.60
N GLU D 191 -17.36 6.41 -19.96
CA GLU D 191 -16.07 5.72 -19.89
C GLU D 191 -15.61 5.72 -18.45
N CYS D 192 -15.25 4.56 -17.90
CA CYS D 192 -14.84 4.51 -16.48
C CYS D 192 -13.41 4.12 -16.17
N SER D 193 -12.49 4.45 -17.04
CA SER D 193 -11.13 4.10 -16.73
C SER D 193 -10.33 5.37 -16.68
N GLN D 194 -9.26 5.35 -15.89
CA GLN D 194 -8.40 6.50 -15.75
C GLN D 194 -7.87 6.88 -17.11
N ARG D 195 -7.62 8.16 -17.32
CA ARG D 195 -7.06 8.60 -18.59
C ARG D 195 -5.84 9.48 -18.33
N SER D 196 -4.70 9.00 -18.81
CA SER D 196 -3.44 9.72 -18.64
C SER D 196 -3.61 11.22 -18.78
N ALA D 197 -2.95 11.92 -17.86
CA ALA D 197 -2.99 13.37 -17.79
C ALA D 197 -2.23 13.98 -18.97
N HIS D 198 -1.16 13.30 -19.38
CA HIS D 198 -0.34 13.78 -20.48
C HIS D 198 0.01 12.72 -21.54
N GLU D 199 -0.01 13.13 -22.79
CA GLU D 199 0.34 12.23 -23.88
C GLU D 199 1.77 12.50 -24.31
N LEU D 200 2.37 11.57 -25.04
CA LEU D 200 3.74 11.77 -25.49
C LEU D 200 3.75 12.58 -26.78
N PRO D 201 4.37 13.78 -26.75
CA PRO D 201 4.45 14.64 -27.93
C PRO D 201 5.38 14.02 -28.98
N MET D 202 5.06 14.22 -30.26
CA MET D 202 5.86 13.65 -31.34
C MET D 202 5.97 14.53 -32.58
N VAL D 203 7.12 15.19 -32.73
CA VAL D 203 7.36 16.06 -33.86
C VAL D 203 7.71 15.27 -35.11
N GLU D 204 6.91 15.45 -36.16
CA GLU D 204 7.13 14.73 -37.42
C GLU D 204 7.70 15.62 -38.50
N ARG D 205 7.37 16.91 -38.44
CA ARG D 205 7.85 17.81 -39.47
C ARG D 205 8.02 19.24 -38.94
N GLN D 206 8.98 19.97 -39.51
CA GLN D 206 9.26 21.34 -39.12
C GLN D 206 9.46 22.21 -40.35
N ASP D 207 8.75 23.33 -40.43
CA ASP D 207 8.85 24.20 -41.59
C ASP D 207 10.05 25.10 -41.56
N THR D 208 10.94 24.88 -40.60
CA THR D 208 12.15 25.68 -40.47
C THR D 208 13.30 24.84 -39.95
N ASP D 209 14.48 25.03 -40.51
CA ASP D 209 15.64 24.26 -40.08
C ASP D 209 16.85 25.15 -39.72
N SER D 210 16.69 26.45 -39.97
CA SER D 210 17.73 27.40 -39.67
C SER D 210 17.16 28.80 -39.65
N CYS D 211 18.01 29.78 -39.35
CA CYS D 211 17.63 31.18 -39.31
C CYS D 211 18.73 31.98 -38.61
N LEU D 212 18.73 33.30 -38.78
CA LEU D 212 19.74 34.15 -38.15
C LEU D 212 19.72 34.04 -36.63
N VAL D 213 20.85 34.38 -36.01
CA VAL D 213 20.98 34.30 -34.56
C VAL D 213 19.99 35.11 -33.75
N TYR D 214 19.45 36.17 -34.34
CA TYR D 214 18.48 37.00 -33.63
C TYR D 214 17.17 36.25 -33.48
N GLY D 215 17.10 35.07 -34.10
CA GLY D 215 15.90 34.26 -34.03
C GLY D 215 14.71 35.09 -34.49
N GLY D 216 13.72 35.23 -33.61
CA GLY D 216 12.55 36.02 -33.95
C GLY D 216 11.49 35.27 -34.74
N GLN D 217 11.80 34.92 -35.97
CA GLN D 217 10.85 34.22 -36.83
C GLN D 217 10.02 33.20 -36.07
N GLN D 218 8.92 32.80 -36.69
CA GLN D 218 7.99 31.82 -36.12
C GLN D 218 8.10 30.46 -36.82
N MET D 219 8.34 29.40 -36.05
CA MET D 219 8.46 28.06 -36.60
C MET D 219 7.21 27.23 -36.33
N ILE D 220 6.80 26.44 -37.31
CA ILE D 220 5.62 25.62 -37.20
C ILE D 220 5.95 24.13 -37.21
N LEU D 221 5.65 23.47 -36.10
CA LEU D 221 5.91 22.04 -35.97
C LEU D 221 4.64 21.26 -36.24
N THR D 222 4.78 20.08 -36.84
CA THR D 222 3.64 19.22 -37.15
C THR D 222 3.86 17.84 -36.56
N GLY D 223 3.01 17.47 -35.61
CA GLY D 223 3.15 16.16 -34.99
C GLY D 223 1.88 15.66 -34.33
N GLN D 224 2.00 15.15 -33.10
CA GLN D 224 0.85 14.61 -32.39
C GLN D 224 0.89 14.85 -30.89
N ASN D 225 -0.29 14.96 -30.30
CA ASN D 225 -0.42 15.16 -28.87
C ASN D 225 0.06 16.52 -28.39
N PHE D 226 -0.10 17.52 -29.25
CA PHE D 226 0.30 18.88 -28.89
C PHE D 226 -0.86 19.50 -28.14
N THR D 227 -0.80 19.50 -26.81
CA THR D 227 -1.86 20.12 -26.03
C THR D 227 -1.44 21.58 -25.90
N SER D 228 -2.36 22.43 -25.47
CA SER D 228 -2.05 23.85 -25.31
C SER D 228 -0.98 24.08 -24.25
N GLU D 229 -0.83 23.12 -23.35
CA GLU D 229 0.16 23.23 -22.28
C GLU D 229 1.55 22.86 -22.74
N SER D 230 1.64 22.17 -23.87
CA SER D 230 2.93 21.76 -24.42
C SER D 230 3.88 22.95 -24.36
N LYS D 231 5.18 22.66 -24.24
CA LYS D 231 6.18 23.71 -24.20
C LYS D 231 7.34 23.31 -25.10
N VAL D 232 8.16 24.29 -25.48
CA VAL D 232 9.28 24.01 -26.36
C VAL D 232 10.59 24.50 -25.78
N VAL D 233 11.60 23.65 -25.79
CA VAL D 233 12.91 24.00 -25.26
C VAL D 233 14.08 23.78 -26.23
N PHE D 234 14.90 24.83 -26.37
CA PHE D 234 16.08 24.79 -27.24
C PHE D 234 17.28 24.56 -26.35
N THR D 235 18.12 23.60 -26.72
CA THR D 235 19.32 23.33 -25.92
C THR D 235 20.54 23.11 -26.80
N GLU D 236 21.70 23.06 -26.16
CA GLU D 236 22.96 22.82 -26.84
C GLU D 236 23.89 22.22 -25.82
N LYS D 237 24.45 21.06 -26.11
CA LYS D 237 25.39 20.46 -25.17
C LYS D 237 26.65 19.95 -25.86
N THR D 238 27.70 19.77 -25.06
CA THR D 238 28.98 19.28 -25.56
C THR D 238 28.92 17.79 -25.86
N THR D 239 29.99 17.28 -26.47
CA THR D 239 30.04 15.86 -26.77
C THR D 239 29.98 15.10 -25.46
N ASP D 240 30.46 15.75 -24.40
CA ASP D 240 30.45 15.24 -23.03
C ASP D 240 29.03 14.96 -22.60
N GLY D 241 28.14 15.85 -23.00
CA GLY D 241 26.75 15.76 -22.65
C GLY D 241 26.43 16.99 -21.82
N GLN D 242 27.45 17.67 -21.31
CA GLN D 242 27.26 18.87 -20.49
C GLN D 242 26.43 19.86 -21.27
N GLN D 243 25.30 20.27 -20.71
CA GLN D 243 24.42 21.24 -21.35
C GLN D 243 24.99 22.64 -21.19
N ILE D 244 25.35 23.28 -22.29
CA ILE D 244 25.92 24.61 -22.23
C ILE D 244 24.97 25.71 -22.66
N TRP D 245 23.71 25.36 -22.91
CA TRP D 245 22.71 26.34 -23.30
C TRP D 245 21.29 25.80 -23.31
N GLU D 246 20.40 26.52 -22.65
CA GLU D 246 19.01 26.14 -22.57
C GLU D 246 18.12 27.37 -22.63
N MET D 247 17.20 27.38 -23.58
CA MET D 247 16.30 28.49 -23.72
C MET D 247 14.91 27.99 -24.06
N GLU D 248 13.91 28.41 -23.28
CA GLU D 248 12.55 28.00 -23.54
C GLU D 248 12.08 28.89 -24.68
N ALA D 249 11.29 28.34 -25.59
CA ALA D 249 10.80 29.14 -26.71
C ALA D 249 9.32 29.47 -26.52
N THR D 250 8.92 30.64 -27.02
CA THR D 250 7.53 31.07 -26.91
C THR D 250 6.59 30.36 -27.89
N VAL D 251 5.42 29.98 -27.40
CA VAL D 251 4.43 29.29 -28.22
C VAL D 251 3.17 30.14 -28.43
N ASP D 252 2.64 30.15 -29.64
CA ASP D 252 1.43 30.91 -29.94
C ASP D 252 0.19 30.13 -29.49
N LYS D 253 -0.02 30.08 -28.18
CA LYS D 253 -1.15 29.37 -27.59
C LYS D 253 -2.37 29.34 -28.51
N ASP D 254 -2.81 30.53 -28.91
CA ASP D 254 -3.97 30.68 -29.79
C ASP D 254 -4.03 29.67 -30.93
N LYS D 255 -3.26 29.93 -31.98
CA LYS D 255 -3.20 29.07 -33.16
C LYS D 255 -2.93 27.59 -32.83
N SER D 256 -2.10 27.36 -31.81
CA SER D 256 -1.74 26.01 -31.40
C SER D 256 -2.89 25.00 -31.42
N GLN D 257 -2.61 23.84 -32.02
CA GLN D 257 -3.57 22.77 -32.14
C GLN D 257 -2.93 21.43 -31.82
N PRO D 258 -3.74 20.37 -31.78
CA PRO D 258 -3.24 19.03 -31.47
C PRO D 258 -2.12 18.54 -32.38
N ASN D 259 -2.23 18.84 -33.67
CA ASN D 259 -1.21 18.40 -34.63
C ASN D 259 -0.23 19.45 -35.09
N MET D 260 -0.46 20.70 -34.73
CA MET D 260 0.43 21.77 -35.12
C MET D 260 0.87 22.63 -33.96
N LEU D 261 2.06 23.19 -34.06
CA LEU D 261 2.58 24.03 -33.00
C LEU D 261 3.26 25.27 -33.57
N PHE D 262 2.99 26.41 -32.94
CA PHE D 262 3.55 27.68 -33.38
C PHE D 262 4.50 28.22 -32.34
N VAL D 263 5.78 28.26 -32.68
CA VAL D 263 6.77 28.75 -31.74
C VAL D 263 7.55 29.93 -32.30
N GLU D 264 8.21 30.65 -31.40
CA GLU D 264 9.03 31.77 -31.80
C GLU D 264 10.48 31.42 -31.47
N ILE D 265 11.20 31.01 -32.51
CA ILE D 265 12.61 30.66 -32.44
C ILE D 265 13.33 31.68 -31.60
N PRO D 266 13.89 31.26 -30.48
CA PRO D 266 14.61 32.19 -29.62
C PRO D 266 15.89 32.77 -30.24
N GLU D 267 16.41 33.77 -29.56
CA GLU D 267 17.64 34.43 -29.95
C GLU D 267 18.71 33.45 -29.50
N TYR D 268 19.79 33.28 -30.27
CA TYR D 268 20.84 32.35 -29.86
C TYR D 268 21.72 33.03 -28.79
N ARG D 269 22.37 32.24 -27.94
CA ARG D 269 23.17 32.81 -26.87
C ARG D 269 24.32 33.74 -27.27
N ASN D 270 24.92 33.53 -28.44
CA ASN D 270 26.00 34.39 -28.89
C ASN D 270 25.64 35.11 -30.17
N LYS D 271 25.27 36.38 -30.03
CA LYS D 271 24.88 37.21 -31.16
C LYS D 271 25.86 37.14 -32.34
N HIS D 272 27.13 37.44 -32.06
CA HIS D 272 28.15 37.44 -33.10
C HIS D 272 28.95 36.16 -33.33
N ILE D 273 28.48 35.34 -34.27
CA ILE D 273 29.15 34.09 -34.61
C ILE D 273 29.46 34.14 -36.11
N ARG D 274 30.49 33.43 -36.55
CA ARG D 274 30.83 33.44 -37.96
C ARG D 274 30.58 32.08 -38.59
N THR D 275 30.44 31.07 -37.74
CA THR D 275 30.21 29.71 -38.21
C THR D 275 28.81 29.26 -37.81
N PRO D 276 28.15 28.47 -38.67
CA PRO D 276 26.81 28.02 -38.33
C PRO D 276 26.89 27.20 -37.04
N VAL D 277 25.93 27.41 -36.15
CA VAL D 277 25.88 26.67 -34.90
C VAL D 277 24.70 25.71 -34.96
N LYS D 278 24.95 24.45 -34.63
CA LYS D 278 23.92 23.44 -34.66
C LYS D 278 23.37 23.22 -33.24
N VAL D 279 22.09 23.48 -33.05
CA VAL D 279 21.48 23.29 -31.74
C VAL D 279 20.35 22.28 -31.76
N ASN D 280 19.69 22.15 -30.62
CA ASN D 280 18.61 21.20 -30.46
C ASN D 280 17.37 21.81 -29.86
N PHE D 281 16.25 21.08 -29.98
CA PHE D 281 15.01 21.51 -29.39
C PHE D 281 14.04 20.34 -29.30
N TYR D 282 13.09 20.43 -28.37
CA TYR D 282 12.07 19.39 -28.18
C TYR D 282 10.81 19.97 -27.52
N VAL D 283 9.69 19.31 -27.77
CA VAL D 283 8.41 19.73 -27.21
C VAL D 283 8.24 18.90 -25.94
N ILE D 284 7.50 19.41 -24.96
CA ILE D 284 7.32 18.66 -23.72
C ILE D 284 5.97 18.86 -23.04
N ASN D 285 5.34 17.76 -22.65
CA ASN D 285 4.05 17.82 -21.98
C ASN D 285 4.18 17.37 -20.54
N GLY D 286 4.09 18.33 -19.62
CA GLY D 286 4.21 18.01 -18.22
C GLY D 286 5.65 18.06 -17.82
N LYS D 287 6.04 17.26 -16.83
CA LYS D 287 7.42 17.25 -16.36
C LYS D 287 8.25 16.12 -16.94
N ARG D 288 7.61 15.14 -17.56
CA ARG D 288 8.35 14.02 -18.15
C ARG D 288 8.17 13.91 -19.67
N LYS D 289 6.96 13.58 -20.09
CA LYS D 289 6.61 13.39 -21.50
C LYS D 289 7.22 14.42 -22.46
N ARG D 290 8.43 14.15 -22.92
CA ARG D 290 9.08 15.05 -23.87
C ARG D 290 9.35 14.29 -25.15
N SER D 291 9.17 14.97 -26.29
CA SER D 291 9.42 14.35 -27.56
C SER D 291 10.91 14.15 -27.63
N GLN D 292 11.44 13.91 -28.82
CA GLN D 292 12.87 13.72 -28.89
C GLN D 292 13.64 14.81 -29.61
N PRO D 293 14.93 14.92 -29.29
CA PRO D 293 15.85 15.90 -29.84
C PRO D 293 15.59 16.17 -31.32
N GLN D 294 15.32 17.43 -31.62
CA GLN D 294 15.10 17.86 -33.00
C GLN D 294 16.28 18.74 -33.35
N HIS D 295 16.59 18.81 -34.63
CA HIS D 295 17.73 19.60 -35.05
C HIS D 295 17.34 20.94 -35.67
N PHE D 296 18.20 21.91 -35.43
CA PHE D 296 18.03 23.27 -35.91
C PHE D 296 19.42 23.84 -36.04
N THR D 297 19.53 25.00 -36.69
CA THR D 297 20.84 25.62 -36.85
C THR D 297 20.72 27.12 -36.88
N TYR D 298 21.72 27.79 -36.32
CA TYR D 298 21.74 29.25 -36.32
C TYR D 298 22.84 29.71 -37.25
N HIS D 299 22.50 30.59 -38.18
CA HIS D 299 23.50 31.09 -39.11
C HIS D 299 24.05 32.46 -38.72
N PRO D 300 25.32 32.72 -39.07
CA PRO D 300 25.98 33.99 -38.76
C PRO D 300 25.23 35.17 -39.33
N VAL D 301 25.37 36.31 -38.66
CA VAL D 301 24.71 37.54 -39.08
C VAL D 301 25.12 37.93 -40.48
N ALA E 15 15.37 17.65 51.27
CA ALA E 15 15.71 17.58 49.82
C ALA E 15 15.95 16.13 49.37
N SER E 16 15.44 15.18 50.17
CA SER E 16 15.60 13.76 49.88
C SER E 16 14.64 13.29 48.80
N SER E 17 14.42 14.15 47.82
CA SER E 17 13.51 13.84 46.72
C SER E 17 14.25 13.02 45.65
N VAL E 18 13.85 11.77 45.51
CA VAL E 18 14.44 10.87 44.53
C VAL E 18 13.63 10.92 43.24
N PRO E 19 14.30 11.17 42.10
CA PRO E 19 13.64 11.25 40.79
C PRO E 19 12.37 10.40 40.67
N LEU E 20 11.31 11.03 40.18
CA LEU E 20 9.99 10.40 40.02
C LEU E 20 9.91 9.26 39.01
N GLU E 21 10.91 9.17 38.15
CA GLU E 21 10.95 8.14 37.09
C GLU E 21 11.47 6.79 37.56
N TRP E 22 12.18 6.78 38.68
CA TRP E 22 12.73 5.55 39.25
C TRP E 22 11.66 4.53 39.64
N PRO E 23 11.49 3.45 38.86
CA PRO E 23 10.47 2.45 39.19
C PRO E 23 10.75 1.88 40.58
N LEU E 24 9.73 1.84 41.44
CA LEU E 24 9.91 1.34 42.79
C LEU E 24 8.79 0.41 43.25
N SER E 25 9.17 -0.68 43.90
CA SER E 25 8.21 -1.65 44.38
C SER E 25 7.33 -1.05 45.46
N SER E 26 6.16 -1.66 45.66
CA SER E 26 5.23 -1.21 46.68
C SER E 26 5.52 -1.93 48.00
N GLN E 27 6.77 -2.36 48.15
CA GLN E 27 7.22 -3.06 49.35
C GLN E 27 8.71 -3.42 49.27
N SER E 28 9.39 -3.32 50.40
CA SER E 28 10.83 -3.62 50.49
C SER E 28 11.15 -4.16 51.88
N GLY E 29 10.81 -5.43 52.10
CA GLY E 29 11.03 -6.06 53.39
C GLY E 29 9.66 -6.34 53.98
N SER E 30 9.47 -5.99 55.25
CA SER E 30 8.18 -6.20 55.89
C SER E 30 7.30 -4.96 55.70
N TYR E 31 7.66 -4.16 54.69
CA TYR E 31 6.95 -2.93 54.35
C TYR E 31 5.90 -3.19 53.27
N GLU E 32 4.79 -2.47 53.32
CA GLU E 32 3.73 -2.65 52.35
C GLU E 32 2.87 -1.40 52.20
N LEU E 33 3.09 -0.65 51.12
CA LEU E 33 2.33 0.57 50.84
C LEU E 33 1.13 0.22 49.96
N ARG E 34 -0.05 0.13 50.57
CA ARG E 34 -1.25 -0.22 49.84
C ARG E 34 -2.26 0.91 49.68
N ILE E 35 -3.25 0.67 48.85
CA ILE E 35 -4.33 1.63 48.61
C ILE E 35 -5.58 0.95 49.16
N GLU E 36 -5.89 1.25 50.43
CA GLU E 36 -7.05 0.65 51.07
C GLU E 36 -8.29 0.81 50.22
N VAL E 37 -8.63 2.06 49.88
CA VAL E 37 -9.81 2.32 49.06
C VAL E 37 -9.34 2.94 47.74
N GLN E 38 -9.91 2.47 46.64
CA GLN E 38 -9.54 2.97 45.31
C GLN E 38 -10.40 4.12 44.82
N PRO E 39 -9.78 5.05 44.07
CA PRO E 39 -10.46 6.22 43.49
C PRO E 39 -11.49 5.81 42.46
N LYS E 40 -12.41 6.71 42.13
CA LYS E 40 -13.42 6.40 41.13
C LYS E 40 -12.76 6.17 39.76
N PRO E 41 -13.51 5.54 38.83
CA PRO E 41 -13.01 5.26 37.48
C PRO E 41 -12.83 6.57 36.74
N HIS E 42 -13.57 7.57 37.20
CA HIS E 42 -13.56 8.90 36.60
C HIS E 42 -13.57 10.03 37.62
N HIS E 43 -12.96 11.14 37.22
CA HIS E 43 -12.89 12.38 37.99
C HIS E 43 -12.57 13.49 36.99
N ARG E 44 -13.59 14.18 36.50
CA ARG E 44 -13.37 15.24 35.54
C ARG E 44 -12.39 16.27 36.12
N ALA E 45 -11.30 16.51 35.41
CA ALA E 45 -10.31 17.46 35.86
C ALA E 45 -10.74 18.84 35.39
N HIS E 46 -10.20 19.88 36.02
CA HIS E 46 -10.53 21.27 35.70
C HIS E 46 -9.38 22.00 35.02
N TYR E 47 -9.68 23.08 34.29
CA TYR E 47 -8.64 23.90 33.65
C TYR E 47 -8.31 25.08 34.55
N GLU E 48 -7.21 25.77 34.24
CA GLU E 48 -6.82 26.94 35.05
C GLU E 48 -7.68 28.14 34.73
N THR E 49 -8.75 27.95 33.97
CA THR E 49 -9.64 29.05 33.61
C THR E 49 -11.00 28.77 34.23
N GLU E 50 -11.05 27.66 34.96
CA GLU E 50 -12.25 27.24 35.67
C GLU E 50 -11.83 27.30 37.13
N GLY E 51 -12.77 27.19 38.06
CA GLY E 51 -12.40 27.23 39.45
C GLY E 51 -11.54 26.02 39.79
N SER E 52 -12.21 25.00 40.29
CA SER E 52 -11.60 23.73 40.65
C SER E 52 -12.77 22.78 40.62
N ARG E 53 -12.60 21.62 40.04
CA ARG E 53 -13.72 20.71 40.01
C ARG E 53 -13.77 19.75 41.21
N GLY E 54 -13.09 20.13 42.28
CA GLY E 54 -13.12 19.30 43.46
C GLY E 54 -12.00 18.30 43.64
N ALA E 55 -12.24 17.36 44.55
CA ALA E 55 -11.26 16.34 44.86
C ALA E 55 -11.69 14.95 44.40
N VAL E 56 -10.70 14.08 44.29
CA VAL E 56 -10.93 12.71 43.86
C VAL E 56 -11.72 11.96 44.93
N LYS E 57 -12.63 11.10 44.51
CA LYS E 57 -13.41 10.35 45.47
C LYS E 57 -13.47 8.85 45.21
N ALA E 58 -13.83 8.11 46.25
CA ALA E 58 -13.94 6.66 46.16
C ALA E 58 -15.37 6.42 45.75
N PRO E 59 -15.61 5.34 44.99
CA PRO E 59 -16.99 5.05 44.56
C PRO E 59 -17.90 4.80 45.77
N THR E 60 -17.28 4.52 46.91
CA THR E 60 -18.01 4.27 48.15
C THR E 60 -18.78 5.53 48.55
N GLY E 61 -18.28 6.68 48.09
CA GLY E 61 -18.90 7.95 48.41
C GLY E 61 -17.87 8.84 49.08
N GLY E 62 -16.96 8.22 49.83
CA GLY E 62 -15.91 8.96 50.52
C GLY E 62 -14.75 9.26 49.61
N HIS E 63 -13.52 9.19 50.14
CA HIS E 63 -12.33 9.48 49.35
C HIS E 63 -11.25 8.38 49.43
N PRO E 64 -10.35 8.35 48.44
CA PRO E 64 -9.26 7.37 48.39
C PRO E 64 -8.46 7.28 49.69
N VAL E 65 -8.01 6.07 50.00
CA VAL E 65 -7.24 5.81 51.21
C VAL E 65 -5.92 5.08 50.94
N VAL E 66 -4.85 5.58 51.52
CA VAL E 66 -3.52 5.00 51.38
C VAL E 66 -3.00 4.58 52.76
N GLN E 67 -2.03 3.66 52.80
CA GLN E 67 -1.48 3.18 54.07
C GLN E 67 -0.09 2.57 53.93
N LEU E 68 0.63 2.49 55.05
CA LEU E 68 1.99 1.94 55.07
C LEU E 68 2.11 0.91 56.19
N HIS E 69 2.40 -0.34 55.81
CA HIS E 69 2.54 -1.45 56.75
C HIS E 69 3.99 -1.91 56.93
N GLY E 70 4.38 -2.14 58.18
CA GLY E 70 5.72 -2.58 58.46
C GLY E 70 6.52 -1.52 59.20
N TYR E 71 5.89 -0.37 59.45
CA TYR E 71 6.55 0.73 60.15
C TYR E 71 6.17 0.69 61.63
N MET E 72 7.10 0.22 62.45
CA MET E 72 6.89 0.11 63.89
C MET E 72 7.26 1.42 64.59
N GLU E 73 8.11 2.20 63.93
CA GLU E 73 8.58 3.49 64.46
C GLU E 73 7.44 4.39 64.93
N ASN E 74 7.79 5.63 65.23
CA ASN E 74 6.82 6.59 65.72
C ASN E 74 6.88 7.94 65.00
N LYS E 75 7.95 8.15 64.23
CA LYS E 75 8.13 9.40 63.49
C LYS E 75 7.08 9.51 62.39
N PRO E 76 6.17 10.50 62.49
CA PRO E 76 5.17 10.62 61.42
C PRO E 76 5.86 10.93 60.10
N LEU E 77 5.63 10.08 59.11
CA LEU E 77 6.26 10.24 57.80
C LEU E 77 5.41 11.01 56.78
N GLY E 78 6.09 11.58 55.78
CA GLY E 78 5.38 12.32 54.76
C GLY E 78 4.96 11.36 53.64
N LEU E 79 3.91 11.71 52.91
CA LEU E 79 3.43 10.87 51.82
C LEU E 79 3.24 11.66 50.54
N GLN E 80 4.29 11.73 49.72
CA GLN E 80 4.23 12.46 48.48
C GLN E 80 3.07 12.00 47.59
N ILE E 81 2.64 12.89 46.69
CA ILE E 81 1.56 12.61 45.75
C ILE E 81 1.64 13.45 44.48
N PHE E 82 1.78 12.78 43.34
CA PHE E 82 1.82 13.45 42.04
C PHE E 82 0.97 12.65 41.06
N ILE E 83 0.62 13.27 39.94
CA ILE E 83 -0.21 12.58 38.96
C ILE E 83 0.63 11.94 37.86
N GLY E 84 0.37 10.65 37.62
CA GLY E 84 1.11 9.94 36.61
C GLY E 84 0.31 9.35 35.47
N THR E 85 1.04 8.99 34.42
CA THR E 85 0.48 8.42 33.19
C THR E 85 -0.15 7.06 33.44
N ALA E 86 -1.02 6.65 32.52
CA ALA E 86 -1.72 5.38 32.60
C ALA E 86 -1.61 4.66 31.26
N ASP E 87 -0.42 4.64 30.69
CA ASP E 87 -0.17 4.02 29.40
C ASP E 87 0.50 2.67 29.51
N GLU E 88 0.69 2.04 28.35
CA GLU E 88 1.32 0.73 28.25
C GLU E 88 2.73 0.78 28.86
N ARG E 89 3.42 1.88 28.61
CA ARG E 89 4.78 2.07 29.10
C ARG E 89 4.88 2.06 30.63
N ILE E 90 6.11 2.17 31.12
CA ILE E 90 6.37 2.19 32.55
C ILE E 90 5.78 3.48 33.12
N LEU E 91 5.63 3.53 34.44
CA LEU E 91 5.07 4.71 35.08
C LEU E 91 5.96 5.93 34.82
N LYS E 92 5.30 7.08 34.67
CA LYS E 92 5.99 8.33 34.41
C LYS E 92 5.03 9.47 34.77
N PRO E 93 5.55 10.58 35.29
CA PRO E 93 4.71 11.71 35.66
C PRO E 93 3.95 12.22 34.43
N HIS E 94 2.63 12.22 34.49
CA HIS E 94 1.86 12.72 33.36
C HIS E 94 2.17 14.20 33.27
N ALA E 95 2.34 14.71 32.05
CA ALA E 95 2.70 16.11 31.88
C ALA E 95 1.56 17.04 31.52
N PHE E 96 0.38 16.46 31.31
CA PHE E 96 -0.81 17.23 30.96
C PHE E 96 -1.80 17.26 32.13
N TYR E 97 -1.27 16.95 33.31
CA TYR E 97 -2.05 16.90 34.55
C TYR E 97 -1.20 17.21 35.77
N GLN E 98 -1.74 18.03 36.66
CA GLN E 98 -1.07 18.38 37.89
C GLN E 98 -2.02 18.13 39.07
N VAL E 99 -1.47 17.78 40.22
CA VAL E 99 -2.32 17.55 41.39
C VAL E 99 -2.73 18.93 41.85
N HIS E 100 -3.97 19.04 42.31
CA HIS E 100 -4.46 20.32 42.78
C HIS E 100 -4.67 20.17 44.28
N ARG E 101 -4.02 21.06 45.02
CA ARG E 101 -4.08 21.09 46.47
C ARG E 101 -5.35 21.78 46.93
N ILE E 102 -6.22 21.00 47.54
CA ILE E 102 -7.49 21.49 48.03
C ILE E 102 -7.44 21.68 49.53
N THR E 103 -7.99 22.80 49.96
CA THR E 103 -7.99 23.16 51.37
C THR E 103 -9.39 23.53 51.85
N GLY E 104 -9.60 23.42 53.17
CA GLY E 104 -10.90 23.77 53.72
C GLY E 104 -11.30 23.20 55.06
N LYS E 105 -12.62 23.25 55.29
CA LYS E 105 -13.27 22.76 56.50
C LYS E 105 -13.32 21.24 56.49
N THR E 106 -14.19 20.69 55.64
CA THR E 106 -14.38 19.26 55.51
C THR E 106 -13.10 18.52 55.12
N VAL E 107 -12.09 19.24 54.65
CA VAL E 107 -10.82 18.63 54.30
C VAL E 107 -10.21 18.18 55.62
N THR E 108 -10.31 16.90 55.92
CA THR E 108 -9.77 16.40 57.18
C THR E 108 -8.25 16.42 57.23
N THR E 109 -7.60 16.02 56.14
CA THR E 109 -6.14 15.97 56.12
C THR E 109 -5.44 17.23 55.65
N THR E 110 -4.34 17.57 56.33
CA THR E 110 -3.50 18.73 56.00
C THR E 110 -2.73 18.40 54.71
N SER E 111 -1.84 19.28 54.25
CA SER E 111 -1.07 19.02 53.03
C SER E 111 -0.05 20.11 52.65
N TYR E 112 1.08 19.70 52.08
CA TYR E 112 2.15 20.61 51.65
C TYR E 112 2.44 20.46 50.15
N GLU E 113 2.25 21.55 49.41
CA GLU E 113 2.46 21.53 47.96
C GLU E 113 3.80 22.08 47.47
N LYS E 114 4.63 21.18 46.95
CA LYS E 114 5.97 21.52 46.42
C LYS E 114 6.02 21.25 44.92
N ILE E 115 7.12 21.61 44.27
CA ILE E 115 7.27 21.41 42.83
C ILE E 115 8.62 20.86 42.35
N VAL E 116 8.61 19.60 41.93
CA VAL E 116 9.81 18.92 41.44
C VAL E 116 9.95 19.16 39.92
N GLY E 117 10.71 20.20 39.55
CA GLY E 117 10.88 20.49 38.15
C GLY E 117 9.61 21.02 37.51
N ASN E 118 9.18 20.40 36.42
CA ASN E 118 7.97 20.83 35.73
C ASN E 118 6.77 20.03 36.22
N THR E 119 6.98 19.33 37.33
CA THR E 119 5.93 18.53 37.94
C THR E 119 5.58 19.09 39.31
N LYS E 120 4.30 19.35 39.55
CA LYS E 120 3.87 19.88 40.85
C LYS E 120 3.54 18.73 41.78
N VAL E 121 4.21 18.70 42.93
CA VAL E 121 3.99 17.62 43.89
C VAL E 121 3.34 18.04 45.20
N LEU E 122 2.48 17.18 45.73
CA LEU E 122 1.78 17.40 46.99
C LEU E 122 2.37 16.46 48.02
N GLU E 123 2.22 16.80 49.30
CA GLU E 123 2.76 15.97 50.37
C GLU E 123 2.03 16.13 51.70
N ILE E 124 1.23 15.13 52.06
CA ILE E 124 0.50 15.18 53.32
C ILE E 124 1.26 14.39 54.37
N PRO E 125 0.78 14.37 55.63
CA PRO E 125 1.46 13.62 56.68
C PRO E 125 0.87 12.22 56.90
N LEU E 126 1.76 11.24 57.08
CA LEU E 126 1.37 9.86 57.34
C LEU E 126 1.70 9.65 58.81
N GLU E 127 0.80 10.10 59.68
CA GLU E 127 0.97 10.02 61.12
C GLU E 127 0.65 8.67 61.74
N PRO E 128 1.57 8.16 62.60
CA PRO E 128 1.49 6.89 63.32
C PRO E 128 0.24 6.74 64.20
N LYS E 129 -0.17 7.84 64.83
CA LYS E 129 -1.33 7.81 65.70
C LYS E 129 -2.65 7.51 64.98
N ASN E 130 -2.56 7.01 63.74
CA ASN E 130 -3.73 6.66 62.95
C ASN E 130 -3.47 5.29 62.31
N ASN E 131 -2.39 4.65 62.74
CA ASN E 131 -1.97 3.36 62.21
C ASN E 131 -1.39 3.59 60.83
N MET E 132 -0.68 4.71 60.68
CA MET E 132 -0.07 5.09 59.42
C MET E 132 -1.05 5.01 58.25
N ARG E 133 -2.24 5.55 58.46
CA ARG E 133 -3.29 5.59 57.45
C ARG E 133 -3.25 7.00 56.87
N ALA E 134 -4.26 7.34 56.08
CA ALA E 134 -4.36 8.67 55.46
C ALA E 134 -5.49 8.66 54.44
N THR E 135 -6.52 9.46 54.69
CA THR E 135 -7.62 9.52 53.75
C THR E 135 -7.24 10.64 52.78
N ILE E 136 -7.29 10.37 51.49
CA ILE E 136 -6.93 11.37 50.50
C ILE E 136 -8.17 12.14 50.05
N ASP E 137 -8.61 13.08 50.88
CA ASP E 137 -9.77 13.86 50.54
C ASP E 137 -9.37 15.29 50.21
N CYS E 138 -8.07 15.51 50.02
CA CYS E 138 -7.60 16.85 49.73
C CYS E 138 -6.95 17.00 48.36
N ALA E 139 -7.21 16.10 47.42
CA ALA E 139 -6.57 16.20 46.11
C ALA E 139 -7.44 16.35 44.87
N GLY E 140 -6.98 17.21 43.96
CA GLY E 140 -7.70 17.45 42.73
C GLY E 140 -6.77 17.30 41.53
N ILE E 141 -7.30 17.36 40.32
CA ILE E 141 -6.47 17.19 39.13
C ILE E 141 -6.63 18.36 38.17
N LEU E 142 -5.53 18.98 37.81
CA LEU E 142 -5.60 20.13 36.90
C LEU E 142 -5.13 19.87 35.47
N LYS E 143 -6.06 19.93 34.53
CA LYS E 143 -5.75 19.72 33.12
C LYS E 143 -5.01 20.96 32.62
N LEU E 144 -3.88 20.74 31.96
CA LEU E 144 -3.07 21.81 31.41
C LEU E 144 -3.34 21.85 29.93
N ARG E 145 -3.26 23.03 29.33
CA ARG E 145 -3.53 23.15 27.89
C ARG E 145 -2.51 22.38 27.06
N ASN E 146 -3.01 21.53 26.17
CA ASN E 146 -2.16 20.72 25.31
C ASN E 146 -1.17 21.57 24.53
N ALA E 147 -1.61 22.73 24.07
CA ALA E 147 -0.75 23.64 23.32
C ALA E 147 0.50 24.08 24.08
N ASP E 148 0.37 24.28 25.39
CA ASP E 148 1.50 24.72 26.19
C ASP E 148 2.49 23.61 26.54
N ILE E 149 2.00 22.41 26.81
CA ILE E 149 2.87 21.29 27.15
C ILE E 149 3.55 20.75 25.90
N GLU E 150 2.97 21.02 24.75
CA GLU E 150 3.54 20.55 23.48
C GLU E 150 4.52 21.56 22.88
N LEU E 151 4.58 22.74 23.48
CA LEU E 151 5.47 23.79 23.02
C LEU E 151 6.70 23.78 23.92
N ARG E 152 6.82 22.73 24.71
CA ARG E 152 7.94 22.59 25.63
C ARG E 152 9.17 22.02 24.95
N LYS E 153 10.30 22.70 25.13
CA LYS E 153 11.56 22.26 24.55
C LYS E 153 12.09 21.05 25.29
N GLY E 154 11.71 19.87 24.84
CA GLY E 154 12.16 18.65 25.48
C GLY E 154 11.09 17.58 25.57
N GLU E 155 9.90 17.87 25.06
CA GLU E 155 8.83 16.89 25.10
C GLU E 155 8.58 16.28 23.73
N THR E 156 7.85 15.17 23.72
CA THR E 156 7.54 14.47 22.50
C THR E 156 6.19 13.74 22.59
N ASP E 157 5.52 13.85 23.73
CA ASP E 157 4.23 13.20 23.92
C ASP E 157 3.08 14.06 23.41
N ILE E 158 2.06 13.41 22.89
CA ILE E 158 0.92 14.14 22.36
C ILE E 158 -0.14 14.40 23.42
N GLY E 159 -0.77 15.56 23.31
CA GLY E 159 -1.81 15.92 24.27
C GLY E 159 -3.10 15.23 23.91
N ARG E 160 -3.66 15.67 22.79
CA ARG E 160 -4.91 15.13 22.27
C ARG E 160 -5.08 13.67 22.65
N LYS E 161 -6.30 13.30 23.03
CA LYS E 161 -6.61 11.93 23.41
C LYS E 161 -5.87 11.38 24.63
N ASN E 162 -4.65 11.85 24.93
CA ASN E 162 -3.94 11.32 26.10
C ASN E 162 -4.54 11.90 27.35
N THR E 163 -5.67 11.36 27.79
CA THR E 163 -6.35 11.93 28.95
C THR E 163 -6.71 10.94 30.07
N ARG E 164 -5.79 10.01 30.33
CA ARG E 164 -5.96 9.01 31.38
C ARG E 164 -4.82 9.22 32.36
N VAL E 165 -5.09 9.06 33.65
CA VAL E 165 -4.02 9.23 34.62
C VAL E 165 -4.24 8.30 35.79
N ARG E 166 -3.25 8.29 36.69
CA ARG E 166 -3.27 7.49 37.90
C ARG E 166 -2.68 8.26 39.08
N LEU E 167 -3.25 8.05 40.25
CA LEU E 167 -2.79 8.68 41.48
C LEU E 167 -1.52 7.96 41.89
N VAL E 168 -0.45 8.72 42.09
CA VAL E 168 0.81 8.11 42.46
C VAL E 168 1.26 8.46 43.88
N PHE E 169 1.62 7.44 44.64
CA PHE E 169 2.08 7.63 46.00
C PHE E 169 3.48 7.05 46.14
N ARG E 170 4.22 7.55 47.12
CA ARG E 170 5.56 7.07 47.39
C ARG E 170 6.03 7.77 48.66
N VAL E 171 6.34 6.97 49.67
CA VAL E 171 6.78 7.49 50.96
C VAL E 171 8.21 7.10 51.29
N HIS E 172 9.03 8.11 51.63
CA HIS E 172 10.42 7.88 52.00
C HIS E 172 10.48 7.37 53.44
N ILE E 173 11.26 6.31 53.66
CA ILE E 173 11.41 5.74 54.99
C ILE E 173 12.90 5.63 55.36
N PRO E 174 13.29 6.16 56.52
CA PRO E 174 14.68 6.11 56.97
C PRO E 174 14.98 4.95 57.92
N GLU E 175 15.75 3.97 57.45
CA GLU E 175 16.12 2.83 58.28
C GLU E 175 17.31 3.23 59.14
N SER E 176 17.36 2.71 60.36
CA SER E 176 18.45 3.02 61.28
C SER E 176 19.81 2.53 60.81
N SER E 177 19.87 1.98 59.60
CA SER E 177 21.12 1.47 59.04
C SER E 177 21.72 2.37 57.96
N GLY E 178 21.15 3.55 57.78
CA GLY E 178 21.67 4.49 56.79
C GLY E 178 20.90 4.53 55.49
N ARG E 179 20.44 3.36 55.03
CA ARG E 179 19.70 3.30 53.78
C ARG E 179 18.29 3.89 53.86
N ILE E 180 17.85 4.45 52.73
CA ILE E 180 16.51 5.05 52.62
C ILE E 180 15.63 4.24 51.67
N VAL E 181 14.73 3.44 52.25
CA VAL E 181 13.81 2.64 51.47
C VAL E 181 12.94 3.58 50.65
N SER E 182 12.04 3.03 49.84
CA SER E 182 11.15 3.85 49.02
C SER E 182 10.03 3.04 48.36
N LEU E 183 8.83 3.17 48.90
CA LEU E 183 7.69 2.47 48.33
C LEU E 183 6.93 3.42 47.41
N GLN E 184 6.15 2.85 46.49
CA GLN E 184 5.37 3.63 45.54
C GLN E 184 4.24 2.73 45.05
N THR E 185 3.01 3.23 45.08
CA THR E 185 1.87 2.42 44.67
C THR E 185 0.74 3.20 44.00
N ALA E 186 0.88 3.43 42.69
CA ALA E 186 -0.14 4.16 41.94
C ALA E 186 -1.50 3.44 41.98
N SER E 187 -2.56 4.18 41.67
CA SER E 187 -3.91 3.64 41.69
C SER E 187 -4.35 3.17 40.33
N ASN E 188 -5.58 2.66 40.28
CA ASN E 188 -6.16 2.21 39.03
C ASN E 188 -6.14 3.40 38.09
N PRO E 189 -6.53 3.18 36.82
CA PRO E 189 -6.55 4.28 35.85
C PRO E 189 -7.75 5.18 36.11
N ILE E 190 -7.60 6.48 35.85
CA ILE E 190 -8.70 7.42 36.04
C ILE E 190 -8.82 8.31 34.82
N GLU E 191 -10.03 8.35 34.25
CA GLU E 191 -10.32 9.15 33.07
C GLU E 191 -10.68 10.59 33.46
N CYS E 192 -10.03 11.55 32.82
CA CYS E 192 -10.26 12.95 33.17
C CYS E 192 -10.83 13.85 32.09
N SER E 193 -11.92 13.44 31.48
CA SER E 193 -12.56 14.25 30.46
C SER E 193 -14.01 13.86 30.39
N GLN E 194 -14.91 14.80 30.66
CA GLN E 194 -16.31 14.46 30.63
C GLN E 194 -16.58 13.80 29.29
N ARG E 195 -15.78 14.22 28.31
CA ARG E 195 -15.88 13.71 26.95
C ARG E 195 -15.93 12.19 26.91
N SER E 196 -14.76 11.57 26.99
CA SER E 196 -14.65 10.12 26.96
C SER E 196 -15.36 9.52 28.15
N ALA E 197 -15.34 10.21 29.29
CA ALA E 197 -16.02 9.72 30.48
C ALA E 197 -17.42 9.27 30.10
N HIS E 198 -18.00 9.92 29.09
CA HIS E 198 -19.35 9.59 28.64
C HIS E 198 -19.40 8.70 27.41
N GLU E 199 -18.35 8.77 26.59
CA GLU E 199 -18.27 7.97 25.37
C GLU E 199 -17.50 6.66 25.57
N LEU E 200 -16.18 6.73 25.46
CA LEU E 200 -15.33 5.56 25.61
C LEU E 200 -15.76 4.56 26.68
N PRO E 201 -15.75 3.26 26.34
CA PRO E 201 -16.12 2.17 27.26
C PRO E 201 -14.86 1.74 28.05
N MET E 202 -15.02 1.42 29.33
CA MET E 202 -13.88 1.02 30.14
C MET E 202 -14.00 -0.34 30.78
N VAL E 203 -13.11 -1.25 30.42
CA VAL E 203 -13.13 -2.58 31.00
C VAL E 203 -12.48 -2.48 32.38
N GLU E 204 -13.07 -3.13 33.36
CA GLU E 204 -12.53 -3.08 34.70
C GLU E 204 -12.43 -4.44 35.34
N ARG E 205 -13.01 -5.44 34.69
CA ARG E 205 -13.00 -6.80 35.23
C ARG E 205 -13.13 -7.84 34.13
N GLN E 206 -12.31 -8.87 34.21
CA GLN E 206 -12.34 -9.98 33.25
C GLN E 206 -11.91 -11.26 33.94
N ASP E 207 -12.86 -12.17 34.12
CA ASP E 207 -12.62 -13.44 34.79
C ASP E 207 -11.60 -14.36 34.11
N THR E 208 -11.47 -14.24 32.79
CA THR E 208 -10.54 -15.09 32.06
C THR E 208 -9.31 -14.32 31.53
N ASP E 209 -8.12 -14.84 31.80
CA ASP E 209 -6.88 -14.23 31.36
C ASP E 209 -6.33 -15.02 30.19
N SER E 210 -6.78 -16.26 30.05
CA SER E 210 -6.29 -17.10 28.96
C SER E 210 -7.11 -18.38 28.77
N CYS E 211 -6.88 -19.05 27.63
CA CYS E 211 -7.54 -20.29 27.28
C CYS E 211 -6.80 -20.91 26.08
N LEU E 212 -7.18 -22.13 25.69
CA LEU E 212 -6.51 -22.82 24.58
C LEU E 212 -6.84 -22.26 23.19
N VAL E 213 -5.86 -22.35 22.30
CA VAL E 213 -5.95 -21.84 20.93
C VAL E 213 -7.26 -22.01 20.16
N TYR E 214 -8.09 -23.00 20.50
CA TYR E 214 -9.36 -23.12 19.76
C TYR E 214 -10.34 -22.08 20.24
N GLY E 215 -10.40 -21.88 21.55
CA GLY E 215 -11.30 -20.87 22.05
C GLY E 215 -12.62 -21.34 22.61
N GLY E 216 -13.72 -20.87 22.04
CA GLY E 216 -15.03 -21.27 22.52
C GLY E 216 -15.33 -20.80 23.93
N GLN E 217 -14.47 -21.16 24.88
CA GLN E 217 -14.64 -20.76 26.28
C GLN E 217 -15.19 -19.34 26.33
N GLN E 218 -16.24 -19.16 27.11
CA GLN E 218 -16.87 -17.85 27.22
C GLN E 218 -16.36 -17.04 28.39
N MET E 219 -16.03 -15.78 28.12
CA MET E 219 -15.50 -14.85 29.10
C MET E 219 -16.49 -13.74 29.46
N ILE E 220 -16.39 -13.29 30.71
CA ILE E 220 -17.25 -12.24 31.24
C ILE E 220 -16.45 -10.99 31.60
N LEU E 221 -16.82 -9.87 30.98
CA LEU E 221 -16.15 -8.61 31.22
C LEU E 221 -17.04 -7.67 32.02
N THR E 222 -16.48 -7.03 33.04
CA THR E 222 -17.20 -6.09 33.87
C THR E 222 -16.54 -4.71 33.79
N GLY E 223 -17.27 -3.74 33.25
CA GLY E 223 -16.72 -2.40 33.12
C GLY E 223 -17.78 -1.32 33.03
N GLN E 224 -17.54 -0.30 32.21
CA GLN E 224 -18.50 0.80 32.05
C GLN E 224 -18.78 1.18 30.61
N ASN E 225 -19.95 1.78 30.40
CA ASN E 225 -20.38 2.22 29.09
C ASN E 225 -20.44 1.09 28.08
N PHE E 226 -21.27 0.09 28.39
CA PHE E 226 -21.43 -1.06 27.53
C PHE E 226 -22.82 -1.06 26.91
N THR E 227 -22.95 -0.47 25.73
CA THR E 227 -24.24 -0.45 25.05
C THR E 227 -24.45 -1.77 24.32
N SER E 228 -25.68 -2.01 23.87
CA SER E 228 -25.98 -3.22 23.14
C SER E 228 -25.12 -3.20 21.88
N GLU E 229 -24.76 -1.99 21.46
CA GLU E 229 -23.94 -1.78 20.27
C GLU E 229 -22.47 -2.07 20.53
N SER E 230 -22.12 -2.43 21.75
CA SER E 230 -20.73 -2.73 22.05
C SER E 230 -20.31 -3.94 21.21
N LYS E 231 -19.01 -4.17 21.12
CA LYS E 231 -18.48 -5.30 20.35
C LYS E 231 -17.09 -5.53 20.91
N VAL E 232 -16.62 -6.77 20.90
CA VAL E 232 -15.28 -7.01 21.41
C VAL E 232 -14.39 -7.38 20.24
N VAL E 233 -13.10 -7.08 20.35
CA VAL E 233 -12.20 -7.39 19.27
C VAL E 233 -10.84 -7.84 19.73
N PHE E 234 -10.47 -9.04 19.32
CA PHE E 234 -9.16 -9.56 19.65
C PHE E 234 -8.27 -9.17 18.50
N THR E 235 -7.03 -8.81 18.81
CA THR E 235 -6.06 -8.43 17.79
C THR E 235 -4.70 -8.76 18.38
N GLU E 236 -3.72 -8.88 17.50
CA GLU E 236 -2.37 -9.15 17.94
C GLU E 236 -1.47 -8.33 17.04
N LYS E 237 -0.37 -7.83 17.59
CA LYS E 237 0.54 -7.03 16.80
C LYS E 237 1.98 -7.24 17.24
N THR E 238 2.90 -7.12 16.29
CA THR E 238 4.31 -7.27 16.56
C THR E 238 4.76 -6.02 17.30
N THR E 239 5.86 -6.13 18.04
CA THR E 239 6.37 -5.00 18.80
C THR E 239 6.43 -3.75 17.92
N ASP E 240 6.63 -3.95 16.62
CA ASP E 240 6.71 -2.85 15.66
C ASP E 240 5.36 -2.15 15.50
N GLY E 241 4.37 -2.60 16.27
CA GLY E 241 3.05 -2.01 16.20
C GLY E 241 2.24 -2.51 15.03
N GLN E 242 2.75 -3.53 14.35
CA GLN E 242 2.05 -4.10 13.19
C GLN E 242 0.87 -4.95 13.63
N GLN E 243 -0.33 -4.35 13.66
CA GLN E 243 -1.51 -5.11 14.03
C GLN E 243 -1.70 -6.13 12.90
N ILE E 244 -1.19 -7.32 13.12
CA ILE E 244 -1.25 -8.40 12.15
C ILE E 244 -2.59 -9.15 12.14
N TRP E 245 -3.11 -9.44 13.34
CA TRP E 245 -4.36 -10.17 13.49
C TRP E 245 -5.49 -9.36 14.15
N GLU E 246 -6.70 -9.57 13.67
CA GLU E 246 -7.86 -8.86 14.21
C GLU E 246 -9.11 -9.71 14.04
N MET E 247 -9.61 -10.27 15.14
CA MET E 247 -10.82 -11.09 15.08
C MET E 247 -11.89 -10.63 16.08
N GLU E 248 -13.09 -10.38 15.60
CA GLU E 248 -14.19 -9.92 16.46
C GLU E 248 -14.87 -11.10 17.15
N ALA E 249 -14.82 -11.13 18.48
CA ALA E 249 -15.45 -12.23 19.22
C ALA E 249 -16.95 -12.03 19.28
N THR E 250 -17.71 -13.11 19.17
CA THR E 250 -19.17 -12.99 19.23
C THR E 250 -19.51 -12.48 20.61
N VAL E 251 -20.21 -11.34 20.68
CA VAL E 251 -20.56 -10.78 21.99
C VAL E 251 -22.00 -11.09 22.36
N ASP E 252 -22.16 -12.05 23.28
CA ASP E 252 -23.47 -12.47 23.77
C ASP E 252 -24.29 -11.22 24.06
N LYS E 253 -25.35 -11.01 23.28
CA LYS E 253 -26.23 -9.85 23.44
C LYS E 253 -27.28 -10.10 24.52
N ASP E 254 -27.45 -11.37 24.89
CA ASP E 254 -28.43 -11.77 25.89
C ASP E 254 -28.06 -11.33 27.31
N LYS E 255 -27.50 -12.26 28.07
CA LYS E 255 -27.10 -12.04 29.45
C LYS E 255 -26.48 -10.65 29.69
N SER E 256 -25.75 -10.16 28.70
CA SER E 256 -25.10 -8.86 28.80
C SER E 256 -25.99 -7.79 29.39
N GLN E 257 -25.38 -6.85 30.10
CA GLN E 257 -26.10 -5.76 30.75
C GLN E 257 -25.27 -4.49 30.70
N PRO E 258 -25.84 -3.35 31.14
CA PRO E 258 -25.10 -2.08 31.12
C PRO E 258 -23.70 -2.19 31.72
N ASN E 259 -23.46 -3.27 32.46
CA ASN E 259 -22.17 -3.46 33.12
C ASN E 259 -21.44 -4.77 32.84
N MET E 260 -22.10 -5.72 32.17
CA MET E 260 -21.46 -7.00 31.91
C MET E 260 -21.60 -7.52 30.49
N LEU E 261 -20.52 -8.14 29.99
CA LEU E 261 -20.51 -8.72 28.66
C LEU E 261 -20.01 -10.15 28.69
N PHE E 262 -20.64 -10.99 27.89
CA PHE E 262 -20.28 -12.41 27.79
C PHE E 262 -19.73 -12.60 26.39
N VAL E 263 -18.43 -12.83 26.32
CA VAL E 263 -17.74 -12.95 25.05
C VAL E 263 -17.31 -14.38 24.73
N GLU E 264 -17.60 -14.85 23.52
CA GLU E 264 -17.14 -16.19 23.14
C GLU E 264 -15.73 -15.99 22.58
N ILE E 265 -14.73 -16.32 23.39
CA ILE E 265 -13.34 -16.17 22.95
C ILE E 265 -13.12 -16.76 21.56
N PRO E 266 -12.79 -15.92 20.58
CA PRO E 266 -12.58 -16.45 19.23
C PRO E 266 -11.44 -17.48 19.17
N GLU E 267 -11.31 -18.08 18.00
CA GLU E 267 -10.30 -19.08 17.75
C GLU E 267 -9.02 -18.34 17.32
N TYR E 268 -7.87 -18.74 17.85
CA TYR E 268 -6.64 -18.06 17.47
C TYR E 268 -6.28 -18.37 16.03
N ARG E 269 -5.69 -17.40 15.34
CA ARG E 269 -5.32 -17.55 13.94
C ARG E 269 -4.38 -18.72 13.65
N ASN E 270 -3.33 -18.85 14.45
CA ASN E 270 -2.40 -19.94 14.26
C ASN E 270 -2.85 -21.09 15.14
N LYS E 271 -3.16 -22.23 14.52
CA LYS E 271 -3.64 -23.41 15.22
C LYS E 271 -2.57 -24.29 15.84
N HIS E 272 -1.44 -24.46 15.15
CA HIS E 272 -0.38 -25.33 15.64
C HIS E 272 0.70 -24.65 16.50
N ILE E 273 0.36 -23.52 17.13
CA ILE E 273 1.34 -22.79 17.94
C ILE E 273 1.90 -23.66 19.06
N ARG E 274 3.14 -23.38 19.45
CA ARG E 274 3.81 -24.12 20.53
C ARG E 274 3.85 -23.35 21.84
N THR E 275 4.46 -22.18 21.81
CA THR E 275 4.56 -21.36 23.01
C THR E 275 3.38 -20.41 23.10
N PRO E 276 2.90 -20.15 24.33
CA PRO E 276 1.77 -19.25 24.50
C PRO E 276 1.97 -17.93 23.75
N VAL E 277 0.93 -17.50 23.05
CA VAL E 277 0.98 -16.26 22.31
C VAL E 277 0.09 -15.28 23.05
N LYS E 278 0.65 -14.11 23.36
CA LYS E 278 -0.06 -13.07 24.08
C LYS E 278 -0.75 -12.18 23.04
N VAL E 279 -2.04 -11.91 23.25
CA VAL E 279 -2.79 -11.09 22.32
C VAL E 279 -3.57 -10.04 23.10
N ASN E 280 -4.06 -9.03 22.37
CA ASN E 280 -4.83 -7.92 22.94
C ASN E 280 -6.28 -7.94 22.46
N PHE E 281 -7.19 -7.49 23.30
CA PHE E 281 -8.61 -7.43 22.94
C PHE E 281 -9.20 -6.15 23.51
N TYR E 282 -10.34 -5.71 22.98
CA TYR E 282 -10.93 -4.47 23.47
C TYR E 282 -12.39 -4.32 23.11
N VAL E 283 -13.11 -3.56 23.94
CA VAL E 283 -14.52 -3.29 23.70
C VAL E 283 -14.55 -2.05 22.83
N ILE E 284 -15.63 -1.87 22.11
CA ILE E 284 -15.74 -0.71 21.25
C ILE E 284 -17.15 -0.53 20.77
N ASN E 285 -17.66 0.69 20.95
CA ASN E 285 -18.99 1.03 20.53
C ASN E 285 -18.75 1.93 19.33
N GLY E 286 -19.78 2.13 18.51
CA GLY E 286 -19.62 2.98 17.35
C GLY E 286 -18.33 2.71 16.61
N LYS E 287 -17.74 3.75 16.04
CA LYS E 287 -16.51 3.62 15.26
C LYS E 287 -15.23 4.14 15.91
N ARG E 288 -15.35 5.08 16.84
CA ARG E 288 -14.19 5.68 17.51
C ARG E 288 -14.15 5.23 18.97
N LYS E 289 -15.32 5.23 19.60
CA LYS E 289 -15.48 4.86 20.99
C LYS E 289 -15.00 3.43 21.28
N ARG E 290 -13.76 3.30 21.72
CA ARG E 290 -13.19 1.99 22.04
C ARG E 290 -12.40 2.00 23.35
N SER E 291 -12.57 0.95 24.14
CA SER E 291 -11.87 0.84 25.41
C SER E 291 -10.37 0.89 25.20
N GLN E 292 -9.65 0.40 26.21
CA GLN E 292 -8.20 0.38 26.18
C GLN E 292 -7.76 -1.06 26.00
N PRO E 293 -6.60 -1.28 25.36
CA PRO E 293 -6.01 -2.60 25.10
C PRO E 293 -6.01 -3.54 26.30
N GLN E 294 -6.80 -4.61 26.24
CA GLN E 294 -6.84 -5.59 27.32
C GLN E 294 -5.87 -6.72 27.01
N HIS E 295 -5.61 -7.56 28.01
CA HIS E 295 -4.66 -8.66 27.81
C HIS E 295 -5.26 -10.05 27.94
N PHE E 296 -4.81 -10.94 27.07
CA PHE E 296 -5.26 -12.31 27.02
C PHE E 296 -4.10 -13.10 26.46
N THR E 297 -4.06 -14.40 26.77
CA THR E 297 -3.00 -15.25 26.25
C THR E 297 -3.51 -16.62 25.86
N TYR E 298 -3.28 -16.97 24.61
CA TYR E 298 -3.70 -18.27 24.07
C TYR E 298 -2.68 -19.37 24.33
N HIS E 299 -3.18 -20.51 24.81
CA HIS E 299 -2.34 -21.65 25.10
C HIS E 299 -2.38 -22.73 24.03
N PRO E 300 -1.21 -23.19 23.60
CA PRO E 300 -1.06 -24.23 22.58
C PRO E 300 -1.67 -25.53 23.04
N VAL E 301 -1.81 -26.47 22.11
CA VAL E 301 -2.36 -27.78 22.42
C VAL E 301 -1.50 -28.86 21.78
#